data_8DCC
#
_entry.id   8DCC
#
_cell.length_a   71.060
_cell.length_b   91.965
_cell.length_c   111.149
_cell.angle_alpha   90.000
_cell.angle_beta   90.000
_cell.angle_gamma   90.000
#
_symmetry.space_group_name_H-M   'P 21 21 21'
#
loop_
_entity.id
_entity.type
_entity.pdbx_description
1 polymer 'Spike protein S1'
2 polymer 'P2B-2F6 Fab light chain'
3 polymer 'P2B-2F6 Fab heavy chain'
4 non-polymer 2-acetamido-2-deoxy-beta-D-glucopyranose
5 water water
#
loop_
_entity_poly.entity_id
_entity_poly.type
_entity_poly.pdbx_seq_one_letter_code
_entity_poly.pdbx_strand_id
1 'polypeptide(L)'
;ETGKNLCPFGEVFNATRFASVYAWNRKRISNCVYDYSVLYNSASFSTFKCYGVSPTKLKDLCFTYVYADSFVIRGDEVRQ
IAPGQTGKIADYNYKLPDDFTGCVIAWNSNNLDSKVGGNYNYLYRLFRKSNLKPFERDTSTEIYQAGSTPCNGVEGFNCY
FPLQSYGFQPTNGVGYQPYRVVVLTFELLDAPPTVCGGTGGGGSKHHHHHH
;
E
2 'polypeptide(L)'
;QSALTQPPSASGSPGQSVTISCTGTSSDVGGYNYVSWYQQHPGKAPKLMIYEVSKRPSGVPDRFSGSKSGNTASLTVSGL
QAEDEADYYCSSYAGSNNLVFGGGTKLTVLGQPKAAPSVTLFPPSSEELQANKATLVCLISDFYPGAVTVAWKADSSPVK
AGVETTTPSKQSNNKYAASSYLSLTPEQWKSHRSYSCQVTHEGSTVEKTVAPTECS
;
L
3 'polypeptide(L)'
;QVQLQESGPGLVKPSETLSLTCTVSGYSISSGYYWGWIRQPPGKGLEWIGSIYHSGSTYYNPSLKTRVTISVDTSKNQFS
LKLSSVTAADTAVYYCARAVVGIVVVPAAGRRAFDIWGQGTMVTVSSASTKGPSVFPLAPSSKSTSGGTAALGCLVKDYF
PEPVTVSWNSGALTSGVHTFPAVLQSSGLYSLSSVVTVPSSSLGTQTYICNVNHKPSNTKVDKKVEPKSCDKTGGSHHHH
HH
;
H
#
# COMPACT_ATOMS: atom_id res chain seq x y z
N LYS A 4 43.08 35.05 16.42
CA LYS A 4 42.00 34.14 16.10
C LYS A 4 40.84 34.87 15.44
N ASN A 5 40.04 34.14 14.66
CA ASN A 5 38.89 34.68 13.93
C ASN A 5 37.65 33.96 14.46
N LEU A 6 36.52 34.17 13.83
CA LEU A 6 35.17 33.99 14.36
C LEU A 6 35.08 32.60 14.95
N CYS A 7 34.30 32.47 16.00
CA CYS A 7 33.85 31.16 16.42
C CYS A 7 32.74 30.69 15.48
N PRO A 8 32.77 29.43 15.04
CA PRO A 8 31.83 28.96 14.01
C PRO A 8 30.43 28.70 14.56
N PHE A 9 29.94 29.64 15.39
CA PHE A 9 28.60 29.49 15.94
C PHE A 9 27.54 29.52 14.86
N GLY A 10 27.84 30.13 13.72
CA GLY A 10 26.87 30.18 12.64
C GLY A 10 26.48 28.80 12.14
N GLU A 11 27.47 27.93 11.94
CA GLU A 11 27.17 26.60 11.43
C GLU A 11 26.37 25.74 12.41
N VAL A 12 26.23 26.15 13.66
CA VAL A 12 25.35 25.46 14.60
C VAL A 12 23.95 26.06 14.58
N PHE A 13 23.86 27.39 14.71
CA PHE A 13 22.56 28.06 14.68
C PHE A 13 21.88 27.90 13.33
N ASN A 14 22.66 27.89 12.25
CA ASN A 14 22.13 27.94 10.91
C ASN A 14 22.20 26.60 10.19
N ALA A 15 22.31 25.51 10.94
CA ALA A 15 22.32 24.19 10.31
C ALA A 15 20.94 23.86 9.75
N THR A 16 20.93 23.11 8.64
CA THR A 16 19.66 22.79 7.99
C THR A 16 18.93 21.67 8.72
N ARG A 17 19.66 20.68 9.21
CA ARG A 17 19.10 19.57 9.95
C ARG A 17 19.49 19.70 11.42
N PHE A 18 18.50 19.64 12.30
CA PHE A 18 18.76 19.57 13.74
C PHE A 18 18.50 18.15 14.22
N ALA A 19 19.12 17.82 15.34
CA ALA A 19 19.02 16.46 15.87
C ALA A 19 17.79 16.29 16.74
N SER A 20 17.38 15.04 16.93
CA SER A 20 16.27 14.77 17.88
C SER A 20 16.85 14.94 19.28
N VAL A 21 16.02 15.25 20.27
CA VAL A 21 16.53 15.55 21.64
C VAL A 21 17.24 14.33 22.23
N TYR A 22 16.73 13.13 21.98
CA TYR A 22 17.32 11.89 22.54
C TYR A 22 18.77 11.77 22.06
N ALA A 23 19.02 12.20 20.84
CA ALA A 23 20.37 12.09 20.25
C ALA A 23 20.84 13.50 19.93
N TRP A 24 21.09 14.28 20.97
CA TRP A 24 21.48 15.69 20.78
C TRP A 24 22.91 15.81 20.26
N ASN A 25 23.17 16.82 19.43
CA ASN A 25 24.49 17.04 18.88
C ASN A 25 25.27 18.01 19.76
N ARG A 26 26.60 17.92 19.66
CA ARG A 26 27.50 18.77 20.43
C ARG A 26 28.68 19.17 19.55
N LYS A 27 29.22 20.36 19.84
CA LYS A 27 30.40 20.82 19.14
C LYS A 27 31.11 21.83 20.05
N ARG A 28 32.25 21.45 20.61
CA ARG A 28 33.02 22.40 21.38
C ARG A 28 33.65 23.43 20.43
N ILE A 29 33.70 24.67 20.90
CA ILE A 29 34.29 25.77 20.18
C ILE A 29 35.59 26.13 20.88
N SER A 30 36.62 26.46 20.12
CA SER A 30 37.92 26.71 20.71
C SER A 30 38.74 27.62 19.79
N ASN A 31 39.56 28.45 20.41
CA ASN A 31 40.58 29.28 19.74
C ASN A 31 39.92 30.21 18.70
N CYS A 32 39.11 31.12 19.23
CA CYS A 32 38.36 32.05 18.38
C CYS A 32 37.74 33.12 19.27
N VAL A 33 37.22 34.17 18.61
CA VAL A 33 36.51 35.26 19.28
C VAL A 33 35.16 35.44 18.60
N TYR A 34 34.18 35.86 19.39
CA TYR A 34 32.81 36.01 18.91
C TYR A 34 32.15 37.14 19.67
N ASP A 35 31.40 37.98 18.94
CA ASP A 35 30.55 38.98 19.58
C ASP A 35 29.21 38.35 19.89
N TYR A 36 28.88 38.29 21.16
CA TYR A 36 27.63 37.65 21.58
C TYR A 36 26.43 38.57 21.50
N SER A 37 26.63 39.90 21.39
CA SER A 37 25.48 40.79 21.22
C SER A 37 24.71 40.46 19.96
N VAL A 38 25.38 39.83 18.99
CA VAL A 38 24.73 39.53 17.73
C VAL A 38 23.67 38.46 17.92
N LEU A 39 23.71 37.79 19.07
CA LEU A 39 22.75 36.78 19.48
C LEU A 39 21.81 37.26 20.57
N TYR A 40 22.34 37.79 21.68
CA TYR A 40 21.47 38.19 22.78
C TYR A 40 20.74 39.50 22.51
N ASN A 41 20.94 40.11 21.35
CA ASN A 41 20.14 41.24 20.90
C ASN A 41 19.41 40.92 19.60
N SER A 42 19.21 39.63 19.31
CA SER A 42 18.67 39.25 18.02
C SER A 42 17.15 39.35 17.96
N ALA A 43 16.47 38.99 19.06
CA ALA A 43 15.01 39.07 19.17
C ALA A 43 14.31 38.10 18.22
N SER A 44 15.07 37.49 17.30
CA SER A 44 14.57 36.36 16.53
C SER A 44 14.76 35.05 17.28
N PHE A 45 15.32 35.09 18.48
CA PHE A 45 15.32 33.97 19.40
C PHE A 45 14.17 34.17 20.39
N SER A 46 13.19 33.27 20.35
CA SER A 46 12.07 33.34 21.27
C SER A 46 12.51 33.17 22.73
N THR A 47 13.64 32.50 22.96
CA THR A 47 14.15 32.23 24.30
C THR A 47 15.64 32.52 24.33
N PHE A 48 16.09 33.25 25.35
CA PHE A 48 17.51 33.55 25.55
C PHE A 48 17.50 33.65 27.07
N LYS A 49 18.12 32.67 27.72
CA LYS A 49 18.31 32.70 29.17
C LYS A 49 19.73 32.25 29.51
N CYS A 50 20.44 33.07 30.28
CA CYS A 50 21.77 32.72 30.75
C CYS A 50 21.73 32.45 32.25
N TYR A 51 22.48 31.46 32.71
CA TYR A 51 22.31 31.05 34.12
C TYR A 51 23.50 31.46 34.99
N GLY A 52 24.73 31.16 34.59
CA GLY A 52 25.85 31.51 35.49
C GLY A 52 26.58 32.76 35.10
N VAL A 53 26.09 33.52 34.11
CA VAL A 53 26.88 34.67 33.61
C VAL A 53 26.02 35.76 32.97
N SER A 54 26.42 37.03 33.10
CA SER A 54 25.80 38.13 32.37
C SER A 54 26.07 38.01 30.88
N PRO A 55 25.04 38.05 30.03
CA PRO A 55 25.31 38.04 28.58
C PRO A 55 26.11 39.25 28.10
N THR A 56 26.03 40.38 28.80
CA THR A 56 26.87 41.53 28.47
C THR A 56 28.27 41.43 29.04
N LYS A 57 28.55 40.43 29.88
CA LYS A 57 29.90 40.24 30.40
C LYS A 57 30.70 39.23 29.58
N LEU A 58 30.08 38.58 28.60
CA LEU A 58 30.80 37.61 27.78
C LEU A 58 31.92 38.26 26.98
N LYS A 59 31.79 39.55 26.66
CA LYS A 59 32.79 40.23 25.84
C LYS A 59 34.09 40.47 26.61
N ASP A 60 34.00 40.70 27.92
CA ASP A 60 35.19 40.84 28.77
C ASP A 60 35.47 39.57 29.56
N LEU A 61 35.18 38.41 28.96
CA LEU A 61 35.43 37.11 29.57
C LEU A 61 35.99 36.16 28.53
N CYS A 62 37.00 35.39 28.92
CA CYS A 62 37.56 34.33 28.11
C CYS A 62 37.26 32.99 28.77
N PHE A 63 37.26 31.93 27.95
CA PHE A 63 37.01 30.58 28.43
C PHE A 63 37.90 29.60 27.66
N THR A 64 38.09 28.42 28.23
CA THR A 64 38.81 27.38 27.52
C THR A 64 37.99 26.85 26.36
N TYR A 65 36.76 26.40 26.66
CA TYR A 65 35.89 25.78 25.69
C TYR A 65 34.50 26.40 25.78
N VAL A 66 33.78 26.30 24.66
CA VAL A 66 32.35 26.58 24.61
C VAL A 66 31.69 25.41 23.88
N TYR A 67 30.68 24.81 24.51
CA TYR A 67 29.97 23.68 23.94
C TYR A 67 28.66 24.14 23.32
N ALA A 68 28.39 23.69 22.10
CA ALA A 68 27.17 24.03 21.37
C ALA A 68 26.32 22.77 21.23
N ASP A 69 25.38 22.59 22.14
CA ASP A 69 24.43 21.50 22.07
C ASP A 69 23.17 21.97 21.37
N SER A 70 22.77 21.25 20.32
CA SER A 70 21.59 21.60 19.54
C SER A 70 20.68 20.39 19.39
N PHE A 71 19.37 20.64 19.41
CA PHE A 71 18.35 19.61 19.25
C PHE A 71 17.00 20.31 19.01
N VAL A 72 15.95 19.51 18.85
CA VAL A 72 14.60 20.02 18.64
C VAL A 72 13.67 19.39 19.67
N ILE A 73 12.97 20.22 20.43
CA ILE A 73 11.97 19.74 21.36
C ILE A 73 10.65 20.43 21.06
N ARG A 74 9.66 20.16 21.89
CA ARG A 74 8.34 20.76 21.79
C ARG A 74 8.29 22.07 22.55
N GLY A 75 7.48 23.01 22.06
CA GLY A 75 7.37 24.32 22.69
C GLY A 75 7.04 24.26 24.18
N ASP A 76 6.24 23.27 24.59
CA ASP A 76 5.91 23.11 26.00
C ASP A 76 7.14 22.81 26.85
N GLU A 77 8.18 22.24 26.26
CA GLU A 77 9.29 21.69 27.02
C GLU A 77 10.51 22.64 27.09
N VAL A 78 10.47 23.80 26.46
CA VAL A 78 11.62 24.76 26.56
C VAL A 78 11.80 25.10 28.03
N ARG A 79 10.74 24.97 28.83
CA ARG A 79 10.79 25.21 30.29
C ARG A 79 11.78 24.23 30.91
N GLN A 80 11.83 23.01 30.41
CA GLN A 80 12.67 21.96 31.02
C GLN A 80 14.15 22.08 30.65
N ILE A 81 14.50 22.86 29.65
CA ILE A 81 15.91 23.05 29.37
C ILE A 81 16.46 24.13 30.29
N ALA A 82 16.52 23.83 31.58
CA ALA A 82 17.04 24.80 32.55
C ALA A 82 17.57 24.01 33.72
N PRO A 83 18.47 24.58 34.55
CA PRO A 83 18.92 23.88 35.73
C PRO A 83 17.78 23.58 36.68
N GLY A 84 17.83 22.42 37.34
CA GLY A 84 16.79 22.02 38.30
C GLY A 84 15.40 21.91 37.73
N GLN A 85 15.26 21.16 36.63
CA GLN A 85 13.93 20.97 36.02
C GLN A 85 13.62 19.48 35.92
N THR A 86 12.33 19.12 35.91
CA THR A 86 11.89 17.71 35.78
C THR A 86 11.01 17.61 34.53
N GLY A 87 10.42 16.45 34.25
CA GLY A 87 9.70 16.23 33.01
C GLY A 87 10.44 15.28 32.10
N LYS A 88 9.72 14.80 31.07
CA LYS A 88 10.25 13.73 30.25
C LYS A 88 11.47 14.15 29.43
N ILE A 89 11.65 15.45 29.18
CA ILE A 89 12.84 15.90 28.45
C ILE A 89 14.03 16.01 29.38
N ALA A 90 13.89 16.74 30.49
CA ALA A 90 14.97 16.93 31.44
C ALA A 90 15.37 15.64 32.15
N ASP A 91 14.47 14.66 32.26
CA ASP A 91 14.80 13.41 32.92
C ASP A 91 15.39 12.37 31.96
N TYR A 92 14.83 12.25 30.76
CA TYR A 92 15.18 11.16 29.85
C TYR A 92 15.89 11.59 28.57
N ASN A 93 16.11 12.89 28.34
CA ASN A 93 16.64 13.29 27.04
C ASN A 93 17.82 14.26 27.12
N TYR A 94 17.65 15.36 27.87
CA TYR A 94 18.72 16.36 27.99
C TYR A 94 18.63 17.01 29.37
N LYS A 95 19.70 16.88 30.16
CA LYS A 95 19.71 17.36 31.54
C LYS A 95 20.82 18.38 31.71
N LEU A 96 20.50 19.50 32.35
CA LEU A 96 21.43 20.59 32.67
C LEU A 96 21.80 20.53 34.14
N PRO A 97 23.08 20.72 34.47
CA PRO A 97 23.52 20.66 35.87
C PRO A 97 22.94 21.82 36.67
N ASP A 98 22.77 21.59 37.98
CA ASP A 98 22.29 22.67 38.84
C ASP A 98 23.29 23.82 38.88
N ASP A 99 24.54 23.54 38.59
CA ASP A 99 25.67 24.50 38.78
C ASP A 99 26.11 24.89 37.39
N PHE A 100 25.14 24.98 36.47
CA PHE A 100 25.25 25.31 35.07
C PHE A 100 25.69 26.76 34.88
N THR A 101 26.62 26.95 33.96
CA THR A 101 27.13 28.25 33.57
C THR A 101 27.07 28.30 32.05
N GLY A 102 26.05 28.95 31.53
CA GLY A 102 25.88 29.03 30.08
C GLY A 102 24.59 29.73 29.74
N CYS A 103 24.18 29.58 28.48
CA CYS A 103 22.97 30.21 27.99
C CYS A 103 22.15 29.21 27.18
N VAL A 104 20.83 29.29 27.34
CA VAL A 104 19.88 28.49 26.57
C VAL A 104 19.21 29.40 25.55
N ILE A 105 19.22 28.98 24.29
CA ILE A 105 18.70 29.77 23.17
C ILE A 105 17.74 28.90 22.38
N ALA A 106 16.52 29.39 22.17
CA ALA A 106 15.50 28.62 21.48
C ALA A 106 14.71 29.51 20.55
N TRP A 107 14.15 28.91 19.50
CA TRP A 107 13.33 29.63 18.55
C TRP A 107 12.38 28.65 17.86
N ASN A 108 11.25 29.18 17.40
CA ASN A 108 10.20 28.38 16.79
C ASN A 108 10.57 27.98 15.36
N SER A 109 10.51 26.68 15.09
CA SER A 109 10.85 26.14 13.76
C SER A 109 9.65 25.46 13.10
N ASN A 110 8.43 25.84 13.49
CA ASN A 110 7.24 25.28 12.88
C ASN A 110 7.28 25.39 11.36
N ASN A 111 7.89 26.45 10.85
CA ASN A 111 7.94 26.66 9.41
C ASN A 111 9.06 25.88 8.73
N LEU A 112 9.85 25.13 9.48
CA LEU A 112 10.96 24.32 8.97
C LEU A 112 10.79 22.85 9.29
N ASP A 113 10.27 22.51 10.46
CA ASP A 113 10.28 21.15 10.97
C ASP A 113 8.88 20.55 11.13
N SER A 114 7.82 21.31 10.91
CA SER A 114 6.48 20.75 10.86
C SER A 114 6.14 20.35 9.43
N LYS A 115 5.59 19.15 9.26
CA LYS A 115 5.22 18.61 7.97
C LYS A 115 3.74 18.24 7.96
N VAL A 116 3.20 18.07 6.75
CA VAL A 116 1.74 18.01 6.58
C VAL A 116 1.14 16.87 7.37
N GLY A 117 1.54 15.63 7.08
CA GLY A 117 0.95 14.54 7.82
C GLY A 117 1.71 14.23 9.10
N GLY A 118 2.50 15.17 9.59
CA GLY A 118 3.36 14.90 10.73
C GLY A 118 4.78 14.54 10.34
N ASN A 119 5.75 15.13 11.05
CA ASN A 119 7.16 14.86 10.84
C ASN A 119 7.60 13.84 11.88
N TYR A 120 7.82 12.59 11.45
CA TYR A 120 8.15 11.51 12.35
C TYR A 120 9.65 11.28 12.47
N ASN A 121 10.45 12.22 11.99
CA ASN A 121 11.89 12.09 12.15
C ASN A 121 12.35 12.54 13.54
N TYR A 122 11.61 13.47 14.15
CA TYR A 122 11.99 14.02 15.45
C TYR A 122 11.43 13.15 16.57
N LEU A 123 12.34 12.57 17.35
CA LEU A 123 11.97 11.63 18.39
C LEU A 123 12.43 12.13 19.76
N TYR A 124 11.87 11.52 20.80
CA TYR A 124 12.24 11.72 22.19
C TYR A 124 12.14 10.39 22.92
N ARG A 125 12.84 10.29 24.05
CA ARG A 125 12.78 9.09 24.87
C ARG A 125 11.63 9.24 25.86
N LEU A 126 10.68 8.30 25.83
CA LEU A 126 9.57 8.32 26.77
C LEU A 126 9.77 7.40 27.96
N PHE A 127 10.64 6.40 27.85
CA PHE A 127 10.88 5.44 28.92
C PHE A 127 12.37 5.31 29.18
N ARG A 128 12.75 5.48 30.44
CA ARG A 128 14.10 5.16 30.91
C ARG A 128 14.02 4.75 32.39
N LYS A 129 14.83 3.76 32.77
CA LYS A 129 14.78 3.25 34.13
C LYS A 129 15.45 4.18 35.12
N SER A 130 16.49 4.89 34.70
CA SER A 130 17.18 5.84 35.55
C SER A 130 17.20 7.19 34.86
N ASN A 131 16.96 8.25 35.63
CA ASN A 131 17.03 9.60 35.09
C ASN A 131 18.45 9.92 34.66
N LEU A 132 18.58 10.69 33.58
CA LEU A 132 19.89 11.03 33.06
C LEU A 132 20.69 11.88 34.04
N LYS A 133 22.00 11.80 33.92
CA LYS A 133 22.94 12.69 34.58
C LYS A 133 23.25 13.88 33.69
N PRO A 134 23.72 14.99 34.26
CA PRO A 134 24.00 16.19 33.46
C PRO A 134 24.89 15.90 32.25
N PHE A 135 24.42 16.35 31.08
CA PHE A 135 25.14 16.26 29.81
C PHE A 135 25.38 14.82 29.37
N GLU A 136 24.58 13.87 29.85
CA GLU A 136 24.63 12.50 29.36
C GLU A 136 23.74 12.38 28.12
N ARG A 137 24.09 11.42 27.26
CA ARG A 137 23.31 11.14 26.06
C ARG A 137 23.08 9.65 25.96
N ASP A 138 21.82 9.25 25.87
CA ASP A 138 21.44 7.86 25.66
C ASP A 138 20.82 7.76 24.28
N THR A 139 21.50 7.07 23.36
CA THR A 139 20.97 6.80 22.04
C THR A 139 20.57 5.35 21.86
N SER A 140 20.45 4.58 22.94
CA SER A 140 20.13 3.16 22.82
C SER A 140 18.67 2.95 22.44
N THR A 141 18.39 1.82 21.79
CA THR A 141 17.05 1.47 21.34
C THR A 141 16.60 0.18 22.00
N GLU A 142 16.95 0.01 23.28
CA GLU A 142 16.63 -1.23 23.98
C GLU A 142 15.18 -1.25 24.40
N ILE A 143 14.52 -2.41 24.21
CA ILE A 143 13.11 -2.54 24.58
C ILE A 143 12.95 -2.36 26.08
N TYR A 144 12.27 -1.30 26.49
CA TYR A 144 12.13 -0.97 27.90
C TYR A 144 11.15 -1.93 28.57
N GLN A 145 11.54 -2.44 29.74
CA GLN A 145 10.69 -3.35 30.49
C GLN A 145 9.78 -2.54 31.40
N ALA A 146 8.48 -2.56 31.10
CA ALA A 146 7.48 -1.87 31.90
C ALA A 146 6.74 -2.80 32.85
N GLY A 147 7.33 -3.95 33.18
CA GLY A 147 6.67 -4.89 34.04
C GLY A 147 7.66 -5.87 34.61
N SER A 148 7.14 -6.94 35.21
CA SER A 148 8.00 -7.96 35.79
C SER A 148 8.48 -8.95 34.73
N THR A 149 7.62 -9.28 33.76
CA THR A 149 7.96 -10.21 32.69
C THR A 149 9.05 -9.60 31.79
N PRO A 150 10.21 -10.24 31.66
CA PRO A 150 11.26 -9.70 30.78
C PRO A 150 10.78 -9.54 29.35
N CYS A 151 11.62 -8.87 28.55
CA CYS A 151 11.29 -8.57 27.17
C CYS A 151 12.07 -9.37 26.16
N ASN A 152 13.25 -9.85 26.53
CA ASN A 152 14.09 -10.69 25.66
C ASN A 152 14.35 -10.01 24.30
N GLY A 153 14.48 -8.69 24.32
CA GLY A 153 14.73 -7.96 23.09
C GLY A 153 13.56 -7.84 22.14
N VAL A 154 12.36 -8.22 22.59
CA VAL A 154 11.15 -8.21 21.77
C VAL A 154 10.14 -7.22 22.35
N GLU A 155 9.60 -6.37 21.47
CA GLU A 155 8.51 -5.48 21.83
C GLU A 155 7.24 -6.30 22.06
N GLY A 156 6.46 -5.91 23.07
CA GLY A 156 5.24 -6.59 23.39
C GLY A 156 4.49 -6.01 24.58
N PHE A 157 3.76 -6.84 25.31
CA PHE A 157 3.02 -6.36 26.47
C PHE A 157 3.99 -5.95 27.57
N ASN A 158 3.84 -4.71 28.04
CA ASN A 158 4.76 -4.12 29.03
C ASN A 158 6.21 -4.17 28.54
N CYS A 159 6.40 -4.13 27.22
CA CYS A 159 7.71 -4.20 26.59
C CYS A 159 7.52 -3.17 25.48
N TYR A 160 8.00 -1.96 25.71
CA TYR A 160 7.81 -0.85 24.77
C TYR A 160 9.12 -0.43 24.13
N PHE A 161 9.02 0.01 22.88
CA PHE A 161 10.10 0.72 22.24
C PHE A 161 10.30 2.06 22.96
N PRO A 162 11.52 2.40 23.39
CA PRO A 162 11.68 3.53 24.33
C PRO A 162 11.55 4.89 23.67
N LEU A 163 11.54 4.96 22.34
CA LEU A 163 11.48 6.22 21.61
C LEU A 163 10.09 6.38 21.01
N GLN A 164 9.57 7.60 21.08
CA GLN A 164 8.34 7.98 20.42
C GLN A 164 8.55 9.32 19.69
N SER A 165 7.63 9.67 18.80
CA SER A 165 7.82 10.79 17.90
C SER A 165 6.89 11.95 18.22
N TYR A 166 7.42 13.17 18.06
CA TYR A 166 6.57 14.34 17.94
C TYR A 166 5.90 14.30 16.57
N GLY A 167 4.58 14.28 16.53
CA GLY A 167 3.99 14.29 15.20
C GLY A 167 3.88 15.70 14.70
N PHE A 168 5.02 16.35 14.44
CA PHE A 168 5.02 17.78 14.17
C PHE A 168 4.24 18.11 12.91
N GLN A 169 3.05 18.72 13.08
CA GLN A 169 2.20 19.20 12.01
C GLN A 169 2.07 20.72 12.08
N PRO A 170 2.00 21.41 10.93
CA PRO A 170 1.97 22.87 10.95
C PRO A 170 0.74 23.44 11.61
N THR A 171 -0.34 22.66 11.73
CA THR A 171 -1.56 23.09 12.41
C THR A 171 -1.52 22.82 13.91
N ASN A 172 -0.39 22.35 14.44
CA ASN A 172 -0.28 22.09 15.87
C ASN A 172 -0.40 23.38 16.66
N GLY A 173 -0.93 23.27 17.88
CA GLY A 173 -0.88 24.38 18.80
C GLY A 173 0.54 24.80 19.10
N VAL A 174 0.68 26.04 19.56
CA VAL A 174 2.01 26.65 19.67
C VAL A 174 2.85 25.93 20.69
N GLY A 175 2.23 25.52 21.80
CA GLY A 175 2.92 24.69 22.78
C GLY A 175 3.33 23.35 22.25
N TYR A 176 2.71 22.89 21.15
CA TYR A 176 3.01 21.62 20.51
C TYR A 176 3.90 21.76 19.28
N GLN A 177 4.30 22.98 18.93
CA GLN A 177 5.09 23.23 17.73
C GLN A 177 6.57 22.98 18.00
N PRO A 178 7.35 22.72 16.95
CA PRO A 178 8.78 22.46 17.15
C PRO A 178 9.59 23.72 17.45
N TYR A 179 10.56 23.59 18.35
CA TYR A 179 11.45 24.68 18.71
C TYR A 179 12.88 24.17 18.62
N ARG A 180 13.71 24.87 17.85
CA ARG A 180 15.12 24.52 17.79
C ARG A 180 15.85 25.16 18.96
N VAL A 181 16.76 24.41 19.57
CA VAL A 181 17.45 24.80 20.78
C VAL A 181 18.95 24.75 20.54
N VAL A 182 19.66 25.77 21.03
CA VAL A 182 21.11 25.76 21.08
C VAL A 182 21.52 26.08 22.52
N VAL A 183 22.24 25.16 23.16
CA VAL A 183 22.69 25.34 24.54
C VAL A 183 24.19 25.61 24.50
N LEU A 184 24.58 26.81 24.88
CA LEU A 184 25.98 27.17 25.01
C LEU A 184 26.43 26.92 26.44
N THR A 185 27.52 26.17 26.59
CA THR A 185 28.08 25.86 27.91
C THR A 185 29.52 26.37 27.96
N PHE A 186 29.77 27.35 28.84
CA PHE A 186 31.09 27.95 28.99
C PHE A 186 31.85 27.26 30.12
N GLU A 187 33.06 26.81 29.82
CA GLU A 187 33.84 25.97 30.71
C GLU A 187 35.21 26.59 30.97
N LEU A 188 35.70 26.48 32.19
CA LEU A 188 37.06 26.91 32.48
C LEU A 188 37.73 25.85 33.33
N LEU A 189 39.00 25.57 32.99
CA LEU A 189 39.84 24.67 33.81
C LEU A 189 41.24 25.25 33.73
N ASP A 190 42.26 24.49 34.12
CA ASP A 190 43.64 24.95 34.09
C ASP A 190 44.18 25.14 32.68
N ALA A 191 43.51 24.57 31.67
CA ALA A 191 43.90 24.82 30.29
C ALA A 191 43.65 26.29 29.97
N PRO A 192 44.63 26.98 29.37
CA PRO A 192 44.47 28.42 29.14
C PRO A 192 43.21 28.72 28.36
N PRO A 193 42.58 29.88 28.61
CA PRO A 193 41.37 30.23 27.85
C PRO A 193 41.73 30.67 26.43
N THR A 194 41.03 30.10 25.43
CA THR A 194 41.30 30.39 24.04
C THR A 194 40.11 31.00 23.31
N VAL A 195 38.88 30.67 23.73
CA VAL A 195 37.68 31.29 23.20
C VAL A 195 37.33 32.50 24.06
N CYS A 196 37.31 33.67 23.42
CA CYS A 196 37.17 34.94 24.13
C CYS A 196 36.01 35.75 23.55
N GLY A 197 35.40 36.59 24.38
CA GLY A 197 34.36 37.48 23.84
C GLY A 197 34.97 38.67 23.12
N GLN B 1 4.49 -24.86 1.51
CA GLN B 1 5.43 -24.25 0.57
C GLN B 1 5.91 -22.88 1.05
N SER B 2 4.98 -21.93 1.15
CA SER B 2 5.33 -20.58 1.57
C SER B 2 5.86 -20.59 3.00
N ALA B 3 6.54 -19.50 3.37
CA ALA B 3 7.24 -19.44 4.66
C ALA B 3 6.30 -19.69 5.82
N LEU B 4 5.03 -19.30 5.69
CA LEU B 4 4.03 -19.48 6.73
C LEU B 4 2.91 -20.37 6.21
N THR B 5 2.63 -21.45 6.96
CA THR B 5 1.44 -22.26 6.72
C THR B 5 0.15 -21.51 7.00
N GLN B 6 -0.78 -21.61 6.05
CA GLN B 6 -2.09 -21.05 6.10
C GLN B 6 -2.96 -22.09 5.40
N PRO B 7 -4.05 -22.55 6.02
CA PRO B 7 -4.92 -23.53 5.35
C PRO B 7 -5.43 -22.98 4.03
N PRO B 8 -5.45 -23.80 2.97
CA PRO B 8 -5.90 -23.29 1.67
C PRO B 8 -7.30 -22.71 1.67
N SER B 9 -8.17 -23.27 2.52
CA SER B 9 -9.59 -22.82 2.51
C SER B 9 -10.22 -22.94 3.89
N ALA B 10 -11.19 -22.08 4.20
CA ALA B 10 -11.93 -22.15 5.48
C ALA B 10 -13.40 -21.88 5.16
N SER B 11 -14.33 -22.66 5.71
CA SER B 11 -15.76 -22.49 5.34
C SER B 11 -16.59 -22.16 6.58
N GLY B 12 -17.06 -20.91 6.69
CA GLY B 12 -17.92 -20.53 7.82
C GLY B 12 -19.34 -20.26 7.37
N SER B 13 -20.30 -20.16 8.30
CA SER B 13 -21.72 -20.00 7.92
C SER B 13 -22.20 -18.56 8.23
N PRO B 14 -23.37 -18.01 7.74
CA PRO B 14 -23.70 -16.60 7.99
C PRO B 14 -24.07 -16.34 9.44
N GLY B 15 -23.39 -15.35 10.05
CA GLY B 15 -23.57 -15.03 11.45
C GLY B 15 -22.73 -15.83 12.41
N GLN B 16 -22.01 -16.82 11.94
CA GLN B 16 -21.20 -17.64 12.84
C GLN B 16 -19.77 -17.11 12.90
N SER B 17 -18.92 -17.87 13.57
CA SER B 17 -17.55 -17.47 13.85
C SER B 17 -16.60 -18.41 13.15
N VAL B 18 -15.74 -17.87 12.30
CA VAL B 18 -14.75 -18.66 11.59
C VAL B 18 -13.36 -18.15 11.99
N THR B 19 -12.41 -19.08 12.09
CA THR B 19 -11.04 -18.78 12.50
C THR B 19 -10.08 -19.35 11.47
N ILE B 20 -9.12 -18.53 11.05
CA ILE B 20 -8.08 -18.94 10.11
C ILE B 20 -6.76 -18.99 10.88
N SER B 21 -6.04 -20.10 10.73
CA SER B 21 -4.76 -20.27 11.42
C SER B 21 -3.60 -19.89 10.51
N CYS B 22 -2.48 -19.55 11.14
CA CYS B 22 -1.24 -19.21 10.44
C CYS B 22 -0.07 -19.70 11.29
N THR B 23 0.58 -20.78 10.84
CA THR B 23 1.62 -21.45 11.61
C THR B 23 2.99 -21.14 11.02
N GLY B 24 3.86 -20.55 11.84
CA GLY B 24 5.20 -20.25 11.42
C GLY B 24 6.22 -21.01 12.27
N THR B 25 7.32 -20.35 12.62
CA THR B 25 8.34 -20.96 13.46
C THR B 25 8.67 -20.05 14.65
N SER B 26 9.75 -20.36 15.34
CA SER B 26 10.20 -19.53 16.48
C SER B 26 10.97 -18.32 15.94
N SER B 27 11.42 -18.41 14.70
CA SER B 27 12.19 -17.31 14.10
C SER B 27 11.28 -16.28 13.44
N ASP B 28 9.97 -16.54 13.39
CA ASP B 28 9.01 -15.56 12.84
C ASP B 28 7.84 -15.30 13.78
N VAL B 29 6.73 -16.03 13.66
CA VAL B 29 5.51 -15.78 14.48
C VAL B 29 5.79 -15.95 15.97
N GLY B 30 6.52 -16.99 16.35
CA GLY B 30 6.93 -17.17 17.75
C GLY B 30 7.91 -16.11 18.22
N GLY B 31 8.82 -15.73 17.34
CA GLY B 31 9.86 -14.74 17.68
C GLY B 31 9.36 -13.35 17.94
N TYR B 32 8.35 -12.89 17.22
CA TYR B 32 7.99 -11.47 17.36
C TYR B 32 6.48 -11.24 17.35
N ASN B 33 6.07 -10.04 17.77
CA ASN B 33 4.63 -9.71 17.87
C ASN B 33 4.28 -8.77 16.71
N TYR B 34 4.89 -9.01 15.55
CA TYR B 34 4.61 -8.20 14.34
C TYR B 34 3.92 -9.10 13.33
N VAL B 35 2.73 -9.59 13.68
CA VAL B 35 1.95 -10.45 12.76
C VAL B 35 0.84 -9.60 12.14
N SER B 36 0.73 -9.61 10.81
CA SER B 36 -0.26 -8.77 10.12
C SER B 36 -1.24 -9.64 9.34
N TRP B 37 -2.50 -9.20 9.21
CA TRP B 37 -3.54 -9.96 8.46
C TRP B 37 -4.15 -9.06 7.39
N TYR B 38 -4.26 -9.56 6.16
CA TYR B 38 -4.79 -8.79 5.05
C TYR B 38 -6.01 -9.49 4.46
N GLN B 39 -6.96 -8.67 3.99
CA GLN B 39 -8.13 -9.12 3.26
C GLN B 39 -8.01 -8.67 1.81
N GLN B 40 -8.30 -9.58 0.88
CA GLN B 40 -8.22 -9.27 -0.54
C GLN B 40 -9.46 -9.80 -1.24
N HIS B 41 -10.17 -8.92 -1.86
CA HIS B 41 -11.33 -9.22 -2.66
C HIS B 41 -10.93 -9.29 -4.13
N PRO B 42 -11.65 -10.11 -4.93
CA PRO B 42 -11.22 -10.36 -6.30
C PRO B 42 -11.05 -9.08 -7.10
N GLY B 43 -9.81 -8.76 -7.47
CA GLY B 43 -9.53 -7.64 -8.33
C GLY B 43 -9.14 -6.36 -7.63
N LYS B 44 -9.11 -6.33 -6.30
CA LYS B 44 -8.72 -5.10 -5.60
C LYS B 44 -7.51 -5.36 -4.73
N ALA B 45 -6.91 -4.25 -4.28
CA ALA B 45 -5.67 -4.30 -3.53
C ALA B 45 -5.90 -4.97 -2.18
N PRO B 46 -4.85 -5.53 -1.58
CA PRO B 46 -5.00 -6.08 -0.23
C PRO B 46 -5.38 -4.99 0.76
N LYS B 47 -6.14 -5.37 1.79
CA LYS B 47 -6.59 -4.45 2.82
C LYS B 47 -6.11 -4.95 4.17
N LEU B 48 -5.53 -4.06 4.96
CA LEU B 48 -5.02 -4.42 6.27
C LEU B 48 -6.17 -4.53 7.26
N MET B 49 -6.31 -5.71 7.86
CA MET B 49 -7.37 -5.96 8.83
C MET B 49 -6.86 -6.01 10.26
N ILE B 50 -5.67 -6.58 10.46
CA ILE B 50 -5.09 -6.74 11.79
C ILE B 50 -3.58 -6.55 11.66
N TYR B 51 -3.01 -5.67 12.47
CA TYR B 51 -1.57 -5.49 12.53
C TYR B 51 -1.11 -5.61 13.97
N GLU B 52 0.19 -5.90 14.12
CA GLU B 52 0.80 -6.16 15.41
C GLU B 52 -0.02 -7.18 16.22
N VAL B 53 -0.26 -8.34 15.62
CA VAL B 53 -0.95 -9.47 16.23
C VAL B 53 -2.43 -9.21 16.49
N SER B 54 -2.74 -8.15 17.23
CA SER B 54 -4.11 -7.92 17.68
C SER B 54 -4.68 -6.54 17.37
N LYS B 55 -3.84 -5.55 17.03
CA LYS B 55 -4.37 -4.23 16.75
C LYS B 55 -5.20 -4.23 15.47
N ARG B 56 -6.18 -3.32 15.43
CA ARG B 56 -7.13 -3.23 14.32
C ARG B 56 -7.14 -1.83 13.74
N PRO B 57 -6.84 -1.65 12.45
CA PRO B 57 -6.92 -0.30 11.86
C PRO B 57 -8.33 0.28 11.97
N SER B 58 -8.41 1.60 11.87
CA SER B 58 -9.70 2.27 12.01
C SER B 58 -10.60 1.92 10.84
N GLY B 59 -11.89 1.79 11.12
CA GLY B 59 -12.87 1.39 10.15
C GLY B 59 -13.04 -0.11 10.02
N VAL B 60 -12.00 -0.87 10.28
CA VAL B 60 -12.13 -2.34 10.28
C VAL B 60 -13.13 -2.74 11.35
N PRO B 61 -14.15 -3.55 11.01
CA PRO B 61 -15.14 -3.90 12.02
C PRO B 61 -14.51 -4.74 13.10
N ASP B 62 -15.04 -4.57 14.29
CA ASP B 62 -14.59 -5.25 15.49
C ASP B 62 -15.04 -6.72 15.48
N ARG B 63 -15.79 -7.12 14.43
CA ARG B 63 -15.99 -8.52 14.10
C ARG B 63 -14.67 -9.23 13.86
N PHE B 64 -13.69 -8.54 13.28
CA PHE B 64 -12.39 -9.14 12.98
C PHE B 64 -11.44 -8.99 14.15
N SER B 65 -10.86 -10.10 14.59
CA SER B 65 -9.95 -10.11 15.72
C SER B 65 -8.79 -11.04 15.40
N GLY B 66 -7.63 -10.72 15.95
CA GLY B 66 -6.45 -11.54 15.77
C GLY B 66 -5.78 -11.83 17.09
N SER B 67 -5.13 -12.99 17.16
CA SER B 67 -4.37 -13.36 18.34
C SER B 67 -3.23 -14.28 17.93
N LYS B 68 -2.38 -14.59 18.89
CA LYS B 68 -1.20 -15.41 18.64
C LYS B 68 -0.97 -16.35 19.82
N SER B 69 -0.45 -17.54 19.51
CA SER B 69 -0.21 -18.57 20.52
C SER B 69 0.95 -19.42 20.02
N GLY B 70 2.11 -19.27 20.66
CA GLY B 70 3.30 -20.01 20.23
C GLY B 70 3.69 -19.62 18.81
N ASN B 71 4.02 -20.63 18.00
CA ASN B 71 4.37 -20.44 16.61
C ASN B 71 3.15 -20.29 15.70
N THR B 72 1.95 -20.22 16.28
CA THR B 72 0.72 -20.16 15.50
C THR B 72 -0.03 -18.87 15.80
N ALA B 73 -0.40 -18.15 14.74
CA ALA B 73 -1.26 -16.98 14.82
C ALA B 73 -2.59 -17.30 14.17
N SER B 74 -3.63 -16.56 14.58
CA SER B 74 -4.96 -16.81 14.07
C SER B 74 -5.74 -15.51 13.95
N LEU B 75 -6.60 -15.46 12.93
CA LEU B 75 -7.57 -14.40 12.74
C LEU B 75 -8.97 -14.98 12.86
N THR B 76 -9.83 -14.33 13.65
CA THR B 76 -11.18 -14.79 13.90
C THR B 76 -12.20 -13.79 13.36
N VAL B 77 -13.16 -14.29 12.58
CA VAL B 77 -14.21 -13.47 11.97
C VAL B 77 -15.53 -13.94 12.55
N SER B 78 -16.09 -13.14 13.49
CA SER B 78 -17.42 -13.46 14.06
C SER B 78 -18.49 -12.72 13.26
N GLY B 79 -19.75 -13.13 13.39
CA GLY B 79 -20.84 -12.50 12.62
C GLY B 79 -20.53 -12.49 11.14
N LEU B 80 -20.23 -13.66 10.57
CA LEU B 80 -19.85 -13.76 9.13
C LEU B 80 -20.88 -13.04 8.25
N GLN B 81 -20.43 -12.04 7.50
CA GLN B 81 -21.35 -11.30 6.59
C GLN B 81 -21.11 -11.79 5.16
N ALA B 82 -21.93 -11.34 4.21
CA ALA B 82 -21.82 -11.80 2.81
C ALA B 82 -20.51 -11.32 2.20
N GLU B 83 -20.11 -10.06 2.45
CA GLU B 83 -18.92 -9.53 1.82
C GLU B 83 -17.65 -9.92 2.56
N ASP B 84 -17.70 -10.85 3.51
CA ASP B 84 -16.49 -11.40 4.10
C ASP B 84 -15.87 -12.51 3.26
N GLU B 85 -16.56 -12.98 2.22
CA GLU B 85 -16.02 -14.02 1.36
C GLU B 85 -14.91 -13.44 0.51
N ALA B 86 -13.66 -13.79 0.82
CA ALA B 86 -12.50 -13.18 0.19
C ALA B 86 -11.27 -14.03 0.49
N ASP B 87 -10.11 -13.52 0.07
CA ASP B 87 -8.82 -14.13 0.36
C ASP B 87 -8.20 -13.46 1.57
N TYR B 88 -7.53 -14.24 2.40
CA TYR B 88 -6.95 -13.74 3.64
C TYR B 88 -5.50 -14.20 3.74
N TYR B 89 -4.60 -13.27 4.01
CA TYR B 89 -3.18 -13.57 4.13
C TYR B 89 -2.66 -13.14 5.50
N CYS B 90 -1.83 -14.00 6.10
CA CYS B 90 -1.06 -13.61 7.28
C CYS B 90 0.35 -13.16 6.88
N SER B 91 0.96 -12.38 7.77
CA SER B 91 2.28 -11.81 7.53
C SER B 91 3.05 -11.82 8.84
N SER B 92 4.38 -11.84 8.74
CA SER B 92 5.21 -11.80 9.94
C SER B 92 6.63 -11.40 9.59
N TYR B 93 7.31 -10.78 10.56
CA TYR B 93 8.73 -10.53 10.45
C TYR B 93 9.49 -11.80 10.82
N ALA B 94 10.53 -12.11 10.05
CA ALA B 94 11.28 -13.35 10.23
C ALA B 94 12.76 -13.09 10.38
N GLY B 95 13.12 -11.96 10.98
CA GLY B 95 14.52 -11.63 11.21
C GLY B 95 15.19 -11.60 9.85
N SER B 96 16.26 -12.38 9.72
CA SER B 96 17.03 -12.43 8.48
C SER B 96 16.24 -12.44 7.19
N ASN B 97 15.12 -13.17 7.17
CA ASN B 97 14.24 -13.28 6.03
C ASN B 97 13.31 -12.07 5.88
N ASN B 98 13.32 -11.16 6.86
CA ASN B 98 12.55 -9.92 6.82
C ASN B 98 11.06 -10.28 6.70
N LEU B 99 10.28 -9.59 5.86
CA LEU B 99 8.84 -9.81 5.79
C LEU B 99 8.52 -11.04 4.96
N VAL B 100 7.80 -11.99 5.55
CA VAL B 100 7.39 -13.22 4.88
C VAL B 100 5.87 -13.33 4.95
N PHE B 101 5.30 -14.02 3.98
CA PHE B 101 3.86 -14.11 3.85
C PHE B 101 3.41 -15.57 3.85
N GLY B 102 2.22 -15.79 4.42
CA GLY B 102 1.58 -17.07 4.26
C GLY B 102 1.03 -17.25 2.86
N GLY B 103 0.64 -18.48 2.55
CA GLY B 103 0.10 -18.78 1.24
C GLY B 103 -1.27 -18.16 0.99
N GLY B 104 -2.04 -17.93 2.03
CA GLY B 104 -3.37 -17.38 1.88
C GLY B 104 -4.46 -18.41 2.12
N THR B 105 -5.60 -17.94 2.63
CA THR B 105 -6.76 -18.76 2.91
C THR B 105 -7.98 -18.19 2.20
N LYS B 106 -8.70 -19.04 1.47
CA LYS B 106 -9.97 -18.66 0.87
C LYS B 106 -11.09 -18.87 1.87
N LEU B 107 -11.94 -17.87 2.03
CA LEU B 107 -13.07 -17.92 2.94
C LEU B 107 -14.35 -17.77 2.12
N THR B 108 -15.22 -18.78 2.21
CA THR B 108 -16.54 -18.78 1.59
C THR B 108 -17.64 -18.88 2.64
N VAL B 109 -18.65 -18.02 2.47
CA VAL B 109 -19.82 -18.01 3.38
C VAL B 109 -20.77 -19.09 2.87
N LEU B 110 -21.19 -20.01 3.72
CA LEU B 110 -21.95 -21.21 3.24
C LEU B 110 -23.40 -20.94 2.81
N GLY B 111 -23.99 -19.78 3.10
CA GLY B 111 -25.39 -19.64 2.66
C GLY B 111 -25.47 -19.83 1.16
N GLN B 112 -26.34 -20.71 0.68
CA GLN B 112 -26.31 -20.99 -0.78
C GLN B 112 -27.69 -21.03 -1.41
N PRO B 113 -28.42 -19.91 -1.57
CA PRO B 113 -29.71 -20.05 -2.22
C PRO B 113 -29.25 -20.50 -3.61
N LYS B 114 -29.72 -21.66 -4.09
CA LYS B 114 -29.28 -22.16 -5.39
C LYS B 114 -29.91 -21.31 -6.48
N ALA B 115 -29.17 -21.05 -7.55
CA ALA B 115 -29.65 -20.19 -8.63
C ALA B 115 -29.27 -20.80 -9.97
N ALA B 116 -30.25 -20.83 -10.89
CA ALA B 116 -30.02 -21.34 -12.24
C ALA B 116 -29.36 -20.25 -13.11
N PRO B 117 -28.57 -20.66 -14.09
CA PRO B 117 -27.82 -19.66 -14.87
C PRO B 117 -28.73 -18.92 -15.84
N SER B 118 -28.56 -17.60 -15.89
CA SER B 118 -29.18 -16.76 -16.90
C SER B 118 -28.21 -16.61 -18.06
N VAL B 119 -28.67 -16.94 -19.26
CA VAL B 119 -27.82 -17.07 -20.44
C VAL B 119 -28.30 -16.10 -21.51
N THR B 120 -27.40 -15.19 -21.93
CA THR B 120 -27.64 -14.32 -23.09
C THR B 120 -26.60 -14.64 -24.14
N LEU B 121 -27.04 -14.85 -25.37
CA LEU B 121 -26.16 -15.20 -26.49
C LEU B 121 -26.18 -14.08 -27.52
N PHE B 122 -25.00 -13.47 -27.76
CA PHE B 122 -24.96 -12.37 -28.73
C PHE B 122 -24.46 -12.84 -30.08
N PRO B 123 -25.16 -12.51 -31.17
CA PRO B 123 -24.63 -12.77 -32.51
C PRO B 123 -23.46 -11.84 -32.82
N PRO B 124 -22.67 -12.13 -33.84
CA PRO B 124 -21.60 -11.20 -34.23
C PRO B 124 -22.20 -9.85 -34.63
N SER B 125 -21.56 -8.78 -34.16
CA SER B 125 -21.99 -7.45 -34.55
C SER B 125 -21.72 -7.21 -36.04
N SER B 126 -22.52 -6.34 -36.64
CA SER B 126 -22.27 -5.98 -38.04
C SER B 126 -20.91 -5.32 -38.21
N GLU B 127 -20.42 -4.65 -37.16
CA GLU B 127 -19.10 -4.01 -37.24
C GLU B 127 -18.01 -5.06 -37.37
N GLU B 128 -18.07 -6.11 -36.54
CA GLU B 128 -17.07 -7.17 -36.63
C GLU B 128 -17.14 -7.89 -37.97
N LEU B 129 -18.36 -8.10 -38.49
CA LEU B 129 -18.49 -8.79 -39.77
C LEU B 129 -17.88 -7.97 -40.89
N GLN B 130 -18.05 -6.65 -40.85
CA GLN B 130 -17.43 -5.80 -41.85
C GLN B 130 -15.92 -5.78 -41.74
N ALA B 131 -15.37 -6.10 -40.57
CA ALA B 131 -13.95 -6.34 -40.40
C ALA B 131 -13.55 -7.76 -40.79
N ASN B 132 -14.47 -8.51 -41.42
CA ASN B 132 -14.25 -9.89 -41.84
C ASN B 132 -13.86 -10.81 -40.68
N LYS B 133 -14.57 -10.65 -39.55
CA LYS B 133 -14.45 -11.53 -38.40
C LYS B 133 -15.86 -11.82 -37.89
N ALA B 134 -15.98 -12.88 -37.08
CA ALA B 134 -17.27 -13.25 -36.49
C ALA B 134 -17.03 -13.94 -35.17
N THR B 135 -17.58 -13.38 -34.10
CA THR B 135 -17.47 -13.97 -32.76
C THR B 135 -18.85 -14.07 -32.13
N LEU B 136 -19.20 -15.26 -31.67
CA LEU B 136 -20.43 -15.46 -30.89
C LEU B 136 -20.09 -15.40 -29.42
N VAL B 137 -20.83 -14.60 -28.66
CA VAL B 137 -20.51 -14.35 -27.26
C VAL B 137 -21.65 -14.87 -26.41
N CYS B 138 -21.35 -15.86 -25.57
CA CYS B 138 -22.34 -16.46 -24.69
C CYS B 138 -22.01 -16.07 -23.26
N LEU B 139 -22.90 -15.31 -22.63
CA LEU B 139 -22.68 -14.79 -21.29
C LEU B 139 -23.60 -15.50 -20.31
N ILE B 140 -23.01 -16.08 -19.26
CA ILE B 140 -23.70 -16.98 -18.35
C ILE B 140 -23.61 -16.35 -16.97
N SER B 141 -24.75 -15.94 -16.41
CA SER B 141 -24.72 -15.17 -15.18
C SER B 141 -25.72 -15.69 -14.15
N ASP B 142 -25.45 -15.35 -12.89
CA ASP B 142 -26.40 -15.46 -11.78
C ASP B 142 -26.71 -16.90 -11.41
N PHE B 143 -25.66 -17.72 -11.25
CA PHE B 143 -25.85 -19.14 -10.96
C PHE B 143 -25.01 -19.57 -9.77
N TYR B 144 -25.62 -20.31 -8.86
CA TYR B 144 -24.98 -20.92 -7.71
C TYR B 144 -25.43 -22.37 -7.78
N PRO B 145 -24.54 -23.36 -7.64
CA PRO B 145 -23.10 -23.39 -7.44
C PRO B 145 -22.31 -22.97 -8.68
N GLY B 146 -21.05 -22.60 -8.49
CA GLY B 146 -20.20 -22.10 -9.54
C GLY B 146 -19.55 -23.16 -10.40
N ALA B 147 -20.35 -24.10 -10.89
CA ALA B 147 -19.88 -25.14 -11.79
C ALA B 147 -20.87 -25.22 -12.95
N VAL B 148 -20.37 -25.19 -14.18
CA VAL B 148 -21.26 -25.14 -15.33
C VAL B 148 -20.49 -25.65 -16.55
N THR B 149 -21.23 -26.19 -17.51
CA THR B 149 -20.66 -26.76 -18.73
C THR B 149 -21.27 -26.05 -19.93
N VAL B 150 -20.43 -25.76 -20.92
CA VAL B 150 -20.85 -25.05 -22.10
C VAL B 150 -20.61 -25.93 -23.32
N ALA B 151 -21.56 -25.91 -24.25
CA ALA B 151 -21.47 -26.69 -25.46
C ALA B 151 -22.10 -25.87 -26.58
N TRP B 152 -21.50 -25.93 -27.76
CA TRP B 152 -21.94 -25.13 -28.88
C TRP B 152 -22.50 -26.02 -29.99
N LYS B 153 -23.38 -25.45 -30.79
CA LYS B 153 -23.92 -26.24 -31.92
C LYS B 153 -24.01 -25.38 -33.18
N ALA B 154 -23.78 -25.99 -34.34
CA ALA B 154 -24.03 -25.31 -35.62
C ALA B 154 -25.24 -26.06 -36.14
N ASP B 155 -26.34 -25.37 -36.40
CA ASP B 155 -27.57 -26.09 -36.73
C ASP B 155 -27.81 -26.99 -35.51
N SER B 156 -27.91 -28.31 -35.71
CA SER B 156 -28.07 -29.23 -34.57
C SER B 156 -26.80 -30.01 -34.34
N SER B 157 -25.74 -29.67 -35.06
CA SER B 157 -24.48 -30.45 -34.99
C SER B 157 -23.53 -29.84 -33.96
N PRO B 158 -22.85 -30.64 -33.13
CA PRO B 158 -21.95 -30.12 -32.14
C PRO B 158 -20.75 -29.38 -32.72
N VAL B 159 -20.24 -28.39 -32.00
CA VAL B 159 -19.05 -27.60 -32.42
C VAL B 159 -18.12 -27.47 -31.22
N LYS B 160 -16.87 -27.92 -31.33
CA LYS B 160 -15.87 -27.82 -30.28
C LYS B 160 -14.63 -27.05 -30.70
N ALA B 161 -14.57 -26.54 -31.92
CA ALA B 161 -13.42 -25.82 -32.43
C ALA B 161 -13.71 -24.33 -32.44
N GLY B 162 -12.71 -23.54 -32.05
CA GLY B 162 -12.91 -22.11 -31.93
C GLY B 162 -13.61 -21.69 -30.66
N VAL B 163 -13.69 -22.57 -29.66
CA VAL B 163 -14.43 -22.33 -28.43
C VAL B 163 -13.43 -22.00 -27.32
N GLU B 164 -13.67 -20.87 -26.64
CA GLU B 164 -12.90 -20.50 -25.46
C GLU B 164 -13.87 -20.11 -24.36
N THR B 165 -13.72 -20.72 -23.19
CA THR B 165 -14.65 -20.51 -22.08
C THR B 165 -13.87 -20.13 -20.83
N THR B 166 -14.27 -19.02 -20.21
CA THR B 166 -13.59 -18.56 -19.00
C THR B 166 -14.07 -19.31 -17.77
N THR B 167 -13.15 -19.57 -16.86
CA THR B 167 -13.47 -20.22 -15.60
C THR B 167 -14.51 -19.39 -14.86
N PRO B 168 -15.49 -20.02 -14.20
CA PRO B 168 -16.53 -19.24 -13.53
C PRO B 168 -15.96 -18.38 -12.41
N SER B 169 -16.37 -17.13 -12.38
CA SER B 169 -16.02 -16.18 -11.33
C SER B 169 -17.30 -15.61 -10.73
N LYS B 170 -17.19 -15.03 -9.56
CA LYS B 170 -18.35 -14.56 -8.83
C LYS B 170 -18.60 -13.08 -9.08
N GLN B 171 -19.88 -12.70 -9.14
CA GLN B 171 -20.27 -11.34 -9.45
C GLN B 171 -20.32 -10.49 -8.18
N SER B 172 -20.88 -9.29 -8.28
CA SER B 172 -21.06 -8.43 -7.13
C SER B 172 -22.27 -8.82 -6.30
N ASN B 173 -23.01 -9.85 -6.71
CA ASN B 173 -24.11 -10.39 -5.92
C ASN B 173 -23.77 -11.73 -5.28
N ASN B 174 -22.48 -12.05 -5.16
CA ASN B 174 -21.96 -13.29 -4.59
C ASN B 174 -22.32 -14.53 -5.42
N LYS B 175 -23.09 -14.36 -6.48
CA LYS B 175 -23.38 -15.43 -7.42
C LYS B 175 -22.29 -15.50 -8.49
N TYR B 176 -22.24 -16.62 -9.21
CA TYR B 176 -21.19 -16.87 -10.17
C TYR B 176 -21.62 -16.49 -11.58
N ALA B 177 -20.62 -16.30 -12.45
CA ALA B 177 -20.83 -15.94 -13.84
C ALA B 177 -19.65 -16.43 -14.66
N ALA B 178 -19.90 -16.71 -15.94
CA ALA B 178 -18.85 -17.17 -16.84
C ALA B 178 -19.24 -16.82 -18.26
N SER B 179 -18.25 -16.90 -19.16
CA SER B 179 -18.43 -16.50 -20.55
C SER B 179 -17.83 -17.54 -21.47
N SER B 180 -18.38 -17.64 -22.68
CA SER B 180 -17.86 -18.54 -23.70
C SER B 180 -17.91 -17.85 -25.06
N TYR B 181 -16.89 -18.12 -25.88
CA TYR B 181 -16.74 -17.49 -27.19
C TYR B 181 -16.56 -18.55 -28.26
N LEU B 182 -17.31 -18.42 -29.35
CA LEU B 182 -17.13 -19.26 -30.54
C LEU B 182 -16.69 -18.38 -31.70
N SER B 183 -15.48 -18.59 -32.19
CA SER B 183 -14.96 -17.79 -33.29
C SER B 183 -15.30 -18.44 -34.62
N LEU B 184 -15.89 -17.66 -35.52
CA LEU B 184 -16.31 -18.13 -36.82
C LEU B 184 -15.75 -17.22 -37.91
N THR B 185 -15.88 -17.67 -39.16
CA THR B 185 -15.64 -16.73 -40.24
C THR B 185 -16.96 -16.03 -40.53
N PRO B 186 -16.94 -14.91 -41.25
CA PRO B 186 -18.21 -14.36 -41.73
C PRO B 186 -19.00 -15.36 -42.58
N GLU B 187 -18.31 -16.20 -43.36
CA GLU B 187 -19.00 -17.14 -44.24
C GLU B 187 -19.66 -18.26 -43.44
N GLN B 188 -18.97 -18.78 -42.42
CA GLN B 188 -19.56 -19.83 -41.59
C GLN B 188 -20.81 -19.34 -40.89
N TRP B 189 -20.79 -18.08 -40.45
CA TRP B 189 -21.92 -17.53 -39.72
C TRP B 189 -23.17 -17.44 -40.60
N LYS B 190 -23.00 -17.05 -41.86
CA LYS B 190 -24.12 -16.92 -42.76
C LYS B 190 -24.47 -18.22 -43.47
N SER B 191 -23.54 -19.19 -43.48
CA SER B 191 -23.81 -20.48 -44.09
C SER B 191 -24.88 -21.24 -43.34
N HIS B 192 -24.91 -21.12 -42.01
CA HIS B 192 -25.70 -22.00 -41.19
C HIS B 192 -27.08 -21.41 -40.87
N ARG B 193 -28.05 -22.31 -40.74
CA ARG B 193 -29.36 -22.01 -40.19
C ARG B 193 -29.26 -21.25 -38.87
N SER B 194 -28.53 -21.80 -37.90
CA SER B 194 -28.46 -21.15 -36.61
C SER B 194 -27.26 -21.67 -35.83
N TYR B 195 -26.93 -20.97 -34.74
CA TYR B 195 -25.91 -21.38 -33.79
C TYR B 195 -26.51 -21.34 -32.39
N SER B 196 -26.13 -22.31 -31.54
CA SER B 196 -26.67 -22.41 -30.19
C SER B 196 -25.57 -22.49 -29.15
N CYS B 197 -25.86 -21.90 -28.00
CA CYS B 197 -25.01 -21.99 -26.80
C CYS B 197 -25.80 -22.78 -25.76
N GLN B 198 -25.32 -23.98 -25.43
CA GLN B 198 -26.01 -24.87 -24.50
C GLN B 198 -25.28 -24.87 -23.17
N VAL B 199 -25.98 -24.48 -22.10
CA VAL B 199 -25.40 -24.29 -20.78
C VAL B 199 -26.05 -25.28 -19.82
N THR B 200 -25.23 -26.15 -19.21
CA THR B 200 -25.71 -27.20 -18.32
C THR B 200 -25.29 -26.91 -16.88
N HIS B 201 -26.26 -26.92 -15.97
CA HIS B 201 -26.00 -26.59 -14.57
C HIS B 201 -26.97 -27.40 -13.72
N GLU B 202 -26.44 -28.27 -12.85
CA GLU B 202 -27.27 -29.11 -11.98
C GLU B 202 -28.15 -29.90 -12.94
N GLY B 203 -27.55 -30.58 -13.89
CA GLY B 203 -28.07 -31.72 -14.62
C GLY B 203 -29.03 -31.15 -15.64
N SER B 204 -29.54 -29.94 -15.43
CA SER B 204 -30.49 -29.29 -16.33
C SER B 204 -29.78 -28.31 -17.24
N THR B 205 -30.43 -27.98 -18.35
CA THR B 205 -29.77 -27.31 -19.46
C THR B 205 -30.61 -26.14 -19.96
N VAL B 206 -29.94 -25.03 -20.25
CA VAL B 206 -30.59 -23.84 -20.80
C VAL B 206 -29.89 -23.56 -22.12
N GLU B 207 -30.65 -23.56 -23.22
CA GLU B 207 -30.06 -23.39 -24.54
C GLU B 207 -30.59 -22.13 -25.18
N LYS B 208 -29.67 -21.28 -25.65
CA LYS B 208 -30.06 -20.04 -26.36
C LYS B 208 -29.62 -20.17 -27.81
N THR B 209 -30.33 -19.54 -28.74
CA THR B 209 -30.03 -19.73 -30.17
C THR B 209 -30.04 -18.40 -30.93
N VAL B 210 -29.07 -18.18 -31.81
CA VAL B 210 -29.04 -16.96 -32.66
C VAL B 210 -29.03 -17.41 -34.11
N ALA B 211 -29.51 -16.56 -35.02
CA ALA B 211 -29.57 -16.93 -36.44
C ALA B 211 -29.17 -15.75 -37.32
N PRO B 212 -28.34 -15.97 -38.37
CA PRO B 212 -27.95 -14.90 -39.28
C PRO B 212 -29.13 -14.12 -39.84
N THR B 213 -30.24 -14.81 -40.08
CA THR B 213 -31.47 -14.17 -40.61
C THR B 213 -31.98 -13.12 -39.61
N GLN C 1 -4.52 13.05 3.44
CA GLN C 1 -4.97 12.42 2.21
C GLN C 1 -3.79 11.78 1.47
N VAL C 2 -3.12 10.83 2.11
CA VAL C 2 -2.02 10.12 1.49
C VAL C 2 -2.55 9.25 0.35
N GLN C 3 -1.92 9.34 -0.81
CA GLN C 3 -2.29 8.54 -1.97
C GLN C 3 -1.03 8.06 -2.69
N LEU C 4 -1.08 6.83 -3.20
CA LEU C 4 0.02 6.21 -3.90
C LEU C 4 -0.43 5.74 -5.27
N GLN C 5 0.41 5.92 -6.28
CA GLN C 5 0.06 5.53 -7.64
C GLN C 5 1.27 4.95 -8.34
N GLU C 6 1.09 3.77 -8.96
CA GLU C 6 2.16 3.11 -9.68
C GLU C 6 2.18 3.52 -11.16
N SER C 7 3.38 3.56 -11.73
CA SER C 7 3.54 3.84 -13.15
C SER C 7 4.71 3.03 -13.69
N GLY C 8 4.59 2.64 -14.96
CA GLY C 8 5.63 1.87 -15.61
C GLY C 8 5.07 1.00 -16.71
N PRO C 9 5.95 0.45 -17.55
CA PRO C 9 5.49 -0.33 -18.69
C PRO C 9 4.83 -1.63 -18.24
N GLY C 10 3.70 -1.95 -18.89
CA GLY C 10 3.01 -3.20 -18.69
C GLY C 10 3.64 -4.40 -19.36
N LEU C 11 4.68 -4.19 -20.16
CA LEU C 11 5.37 -5.25 -20.88
C LEU C 11 6.87 -5.12 -20.70
N VAL C 12 7.55 -6.24 -20.45
CA VAL C 12 9.00 -6.27 -20.28
C VAL C 12 9.52 -7.52 -20.99
N LYS C 13 10.46 -7.34 -21.93
CA LYS C 13 11.02 -8.50 -22.61
C LYS C 13 11.88 -9.29 -21.63
N PRO C 14 11.90 -10.63 -21.73
CA PRO C 14 12.59 -11.44 -20.73
C PRO C 14 14.09 -11.17 -20.69
N SER C 15 14.65 -11.40 -19.51
CA SER C 15 16.07 -11.19 -19.18
C SER C 15 16.44 -9.71 -19.15
N GLU C 16 15.48 -8.82 -19.29
CA GLU C 16 15.73 -7.38 -19.24
C GLU C 16 15.21 -6.84 -17.91
N THR C 17 15.41 -5.54 -17.68
CA THR C 17 15.16 -4.97 -16.37
C THR C 17 13.76 -4.35 -16.27
N LEU C 18 12.96 -4.87 -15.33
CA LEU C 18 11.69 -4.25 -14.98
C LEU C 18 11.93 -2.94 -14.24
N SER C 19 11.11 -1.94 -14.54
CA SER C 19 11.23 -0.63 -13.93
C SER C 19 9.85 -0.09 -13.61
N LEU C 20 9.64 0.27 -12.34
CA LEU C 20 8.39 0.85 -11.88
C LEU C 20 8.66 2.05 -10.99
N THR C 21 7.73 3.00 -10.97
CA THR C 21 7.84 4.20 -10.14
C THR C 21 6.53 4.42 -9.42
N CYS C 22 6.62 4.81 -8.15
CA CYS C 22 5.45 5.06 -7.32
C CYS C 22 5.46 6.53 -6.93
N THR C 23 4.49 7.29 -7.43
CA THR C 23 4.33 8.69 -7.06
C THR C 23 3.46 8.81 -5.81
N VAL C 24 3.95 9.57 -4.83
CA VAL C 24 3.23 9.78 -3.58
C VAL C 24 2.71 11.21 -3.55
N SER C 25 1.46 11.36 -3.14
CA SER C 25 0.85 12.68 -3.00
C SER C 25 0.21 12.82 -1.61
N GLY C 26 0.08 14.08 -1.18
CA GLY C 26 -0.50 14.40 0.10
C GLY C 26 0.42 14.25 1.29
N TYR C 27 1.64 13.75 1.09
CA TYR C 27 2.57 13.55 2.19
C TYR C 27 3.96 13.40 1.60
N SER C 28 4.91 14.13 2.17
CA SER C 28 6.26 14.07 1.65
C SER C 28 6.96 12.83 2.20
N ILE C 29 7.61 12.08 1.32
CA ILE C 29 8.33 10.88 1.74
C ILE C 29 9.39 11.22 2.76
N SER C 30 9.89 12.44 2.72
CA SER C 30 10.96 12.90 3.65
C SER C 30 10.42 13.03 5.06
N SER C 31 9.11 13.19 5.19
CA SER C 31 8.47 13.41 6.51
C SER C 31 8.53 12.19 7.42
N GLY C 32 8.40 11.00 6.83
CA GLY C 32 8.55 9.76 7.61
C GLY C 32 8.04 8.52 6.92
N TYR C 33 7.94 7.41 7.64
CA TYR C 33 7.37 6.13 7.17
C TYR C 33 8.34 5.34 6.28
N TYR C 34 8.08 4.05 6.16
CA TYR C 34 8.81 3.21 5.20
C TYR C 34 7.92 2.91 4.00
N TRP C 35 8.52 2.85 2.83
CA TRP C 35 7.72 2.70 1.59
C TRP C 35 8.15 1.42 0.89
N GLY C 36 7.20 0.51 0.63
CA GLY C 36 7.55 -0.79 0.13
C GLY C 36 6.85 -1.17 -1.17
N TRP C 37 7.34 -2.25 -1.76
CA TRP C 37 6.77 -2.86 -2.95
C TRP C 37 6.36 -4.29 -2.62
N ILE C 38 5.13 -4.64 -2.99
CA ILE C 38 4.60 -6.00 -2.85
C ILE C 38 4.01 -6.41 -4.19
N ARG C 39 4.36 -7.61 -4.66
CA ARG C 39 3.86 -8.13 -5.92
C ARG C 39 2.98 -9.35 -5.68
N GLN C 40 2.23 -9.71 -6.73
CA GLN C 40 1.32 -10.86 -6.68
C GLN C 40 1.12 -11.41 -8.09
N PRO C 41 1.59 -12.63 -8.36
CA PRO C 41 1.35 -13.23 -9.67
C PRO C 41 -0.11 -13.65 -9.79
N PRO C 42 -0.64 -13.71 -11.01
CA PRO C 42 -2.08 -13.98 -11.19
C PRO C 42 -2.49 -15.31 -10.58
N GLY C 43 -3.43 -15.25 -9.65
CA GLY C 43 -3.94 -16.45 -9.01
C GLY C 43 -3.11 -16.97 -7.87
N LYS C 44 -2.11 -16.21 -7.41
CA LYS C 44 -1.20 -16.63 -6.36
C LYS C 44 -1.18 -15.59 -5.22
N GLY C 45 -0.23 -15.75 -4.31
CA GLY C 45 -0.21 -14.98 -3.08
C GLY C 45 0.63 -13.73 -3.17
N LEU C 46 0.80 -13.09 -2.01
CA LEU C 46 1.56 -11.85 -1.93
C LEU C 46 3.01 -12.15 -1.60
N GLU C 47 3.91 -11.43 -2.27
CA GLU C 47 5.33 -11.52 -2.00
C GLU C 47 5.85 -10.10 -1.78
N TRP C 48 6.37 -9.85 -0.57
CA TRP C 48 7.03 -8.58 -0.30
C TRP C 48 8.36 -8.53 -1.03
N ILE C 49 8.63 -7.41 -1.69
CA ILE C 49 9.85 -7.27 -2.46
C ILE C 49 10.90 -6.54 -1.62
N GLY C 50 10.58 -5.32 -1.18
CA GLY C 50 11.51 -4.55 -0.37
C GLY C 50 10.87 -3.28 0.11
N SER C 51 11.59 -2.57 0.99
CA SER C 51 11.12 -1.33 1.58
C SER C 51 12.27 -0.31 1.62
N ILE C 52 11.91 0.96 1.80
CA ILE C 52 12.89 2.04 1.77
C ILE C 52 12.29 3.22 2.51
N TYR C 53 13.17 4.09 3.02
CA TYR C 53 12.75 5.39 3.55
C TYR C 53 13.66 6.48 2.97
N HIS C 54 13.38 7.73 3.32
CA HIS C 54 13.89 8.88 2.58
C HIS C 54 15.43 8.95 2.54
N SER C 55 16.11 8.30 3.48
CA SER C 55 17.57 8.34 3.45
C SER C 55 18.13 7.44 2.35
N GLY C 56 17.39 6.41 1.95
CA GLY C 56 17.86 5.44 0.99
C GLY C 56 18.09 4.05 1.55
N SER C 57 18.09 3.86 2.87
CA SER C 57 18.24 2.52 3.43
C SER C 57 17.15 1.61 2.89
N THR C 58 17.50 0.34 2.68
CA THR C 58 16.60 -0.62 2.08
C THR C 58 16.75 -1.95 2.77
N TYR C 59 15.63 -2.67 2.84
CA TYR C 59 15.62 -4.08 3.19
C TYR C 59 14.91 -4.80 2.05
N TYR C 60 15.47 -5.94 1.65
CA TYR C 60 14.95 -6.68 0.51
C TYR C 60 14.56 -8.10 0.92
N ASN C 61 13.71 -8.69 0.10
CA ASN C 61 13.40 -10.11 0.20
C ASN C 61 14.66 -10.91 -0.11
N PRO C 62 15.05 -11.86 0.74
CA PRO C 62 16.29 -12.61 0.49
C PRO C 62 16.27 -13.37 -0.82
N SER C 63 15.10 -13.84 -1.27
CA SER C 63 15.03 -14.55 -2.54
C SER C 63 15.08 -13.61 -3.73
N LEU C 64 15.37 -12.32 -3.51
CA LEU C 64 15.44 -11.38 -4.63
C LEU C 64 16.57 -10.35 -4.53
N LYS C 65 17.44 -10.44 -3.53
CA LYS C 65 18.42 -9.37 -3.30
C LYS C 65 19.43 -9.22 -4.48
N THR C 66 19.70 -10.29 -5.23
CA THR C 66 20.66 -10.14 -6.33
C THR C 66 20.08 -9.44 -7.55
N ARG C 67 18.76 -9.24 -7.61
CA ARG C 67 18.13 -8.61 -8.77
C ARG C 67 17.35 -7.34 -8.46
N VAL C 68 17.10 -7.03 -7.18
CA VAL C 68 16.26 -5.91 -6.79
C VAL C 68 17.11 -4.70 -6.44
N THR C 69 16.70 -3.54 -6.96
CA THR C 69 17.14 -2.25 -6.47
C THR C 69 15.90 -1.39 -6.22
N ILE C 70 15.87 -0.74 -5.06
CA ILE C 70 14.81 0.20 -4.73
C ILE C 70 15.44 1.56 -4.48
N SER C 71 14.93 2.58 -5.16
CA SER C 71 15.46 3.94 -5.06
C SER C 71 14.38 4.86 -4.53
N VAL C 72 14.78 6.10 -4.22
CA VAL C 72 13.85 7.12 -3.74
C VAL C 72 14.32 8.46 -4.27
N ASP C 73 13.37 9.26 -4.75
CA ASP C 73 13.62 10.60 -5.30
C ASP C 73 12.79 11.56 -4.46
N THR C 74 13.39 12.12 -3.41
CA THR C 74 12.60 12.90 -2.47
C THR C 74 12.22 14.26 -3.04
N SER C 75 13.08 14.86 -3.87
CA SER C 75 12.75 16.15 -4.45
C SER C 75 11.56 16.04 -5.39
N LYS C 76 11.40 14.89 -6.04
CA LYS C 76 10.27 14.62 -6.90
C LYS C 76 9.26 13.67 -6.25
N ASN C 77 9.48 13.31 -4.98
CA ASN C 77 8.54 12.56 -4.12
C ASN C 77 8.06 11.26 -4.74
N GLN C 78 9.00 10.41 -5.16
CA GLN C 78 8.64 9.10 -5.63
C GLN C 78 9.74 8.10 -5.28
N PHE C 79 9.38 6.82 -5.23
CA PHE C 79 10.36 5.76 -5.07
C PHE C 79 10.11 4.69 -6.12
N SER C 80 11.21 4.06 -6.56
CA SER C 80 11.21 3.23 -7.75
C SER C 80 11.71 1.83 -7.44
N LEU C 81 11.35 0.91 -8.33
CA LEU C 81 11.72 -0.50 -8.25
C LEU C 81 12.40 -0.89 -9.55
N LYS C 82 13.62 -1.40 -9.46
CA LYS C 82 14.29 -2.02 -10.59
C LYS C 82 14.49 -3.49 -10.28
N LEU C 83 14.13 -4.35 -11.23
CA LEU C 83 14.27 -5.79 -11.09
C LEU C 83 14.85 -6.33 -12.39
N SER C 84 16.10 -6.77 -12.34
CA SER C 84 16.83 -7.14 -13.54
C SER C 84 16.70 -8.64 -13.82
N SER C 85 17.05 -9.03 -15.05
CA SER C 85 17.06 -10.44 -15.47
C SER C 85 15.72 -11.12 -15.27
N VAL C 86 14.65 -10.47 -15.77
CA VAL C 86 13.31 -10.96 -15.48
C VAL C 86 13.03 -12.25 -16.25
N THR C 87 12.06 -13.00 -15.73
CA THR C 87 11.53 -14.20 -16.37
C THR C 87 10.01 -14.15 -16.30
N ALA C 88 9.37 -15.21 -16.80
CA ALA C 88 7.92 -15.29 -16.70
C ALA C 88 7.47 -15.33 -15.24
N ALA C 89 8.29 -15.88 -14.34
CA ALA C 89 7.95 -15.92 -12.93
C ALA C 89 7.82 -14.53 -12.32
N ASP C 90 8.32 -13.49 -12.98
CA ASP C 90 8.18 -12.13 -12.49
C ASP C 90 6.90 -11.45 -12.98
N THR C 91 6.06 -12.14 -13.75
CA THR C 91 4.79 -11.57 -14.19
C THR C 91 3.84 -11.47 -13.00
N ALA C 92 3.46 -10.25 -12.64
CA ALA C 92 2.69 -10.05 -11.42
C ALA C 92 2.01 -8.69 -11.46
N VAL C 93 1.04 -8.50 -10.56
CA VAL C 93 0.54 -7.18 -10.20
C VAL C 93 1.46 -6.63 -9.11
N TYR C 94 2.05 -5.48 -9.36
CA TYR C 94 3.03 -4.89 -8.45
C TYR C 94 2.40 -3.72 -7.72
N TYR C 95 2.35 -3.81 -6.40
CA TYR C 95 1.79 -2.75 -5.58
C TYR C 95 2.91 -1.95 -4.93
N CYS C 96 2.68 -0.66 -4.76
CA CYS C 96 3.50 0.13 -3.86
C CYS C 96 2.63 0.50 -2.67
N ALA C 97 3.22 0.50 -1.47
CA ALA C 97 2.45 0.68 -0.25
C ALA C 97 3.27 1.44 0.78
N ARG C 98 2.58 1.92 1.82
CA ARG C 98 3.19 2.68 2.89
C ARG C 98 3.03 1.94 4.20
N ALA C 99 4.12 1.84 4.96
CA ALA C 99 4.12 1.14 6.22
C ALA C 99 3.17 1.81 7.20
N VAL C 100 2.75 1.03 8.21
CA VAL C 100 1.86 1.54 9.24
C VAL C 100 2.57 2.54 10.14
N VAL C 101 3.82 2.24 10.52
CA VAL C 101 4.58 3.02 11.48
C VAL C 101 5.29 4.17 10.80
N GLY C 102 5.07 5.39 11.32
CA GLY C 102 5.78 6.56 10.78
C GLY C 102 7.20 6.68 11.27
N ILE C 103 7.48 6.25 12.50
CA ILE C 103 8.85 6.27 13.01
C ILE C 103 9.72 5.32 12.18
N VAL C 104 10.90 5.79 11.81
CA VAL C 104 11.77 5.01 10.93
C VAL C 104 12.68 4.03 11.67
N VAL C 105 12.93 4.23 12.96
CA VAL C 105 13.93 3.46 13.67
C VAL C 105 13.30 2.41 14.59
N VAL C 106 12.04 2.05 14.37
CA VAL C 106 11.40 1.02 15.19
C VAL C 106 11.98 -0.33 14.80
N PRO C 107 11.90 -1.35 15.66
CA PRO C 107 12.40 -2.67 15.27
C PRO C 107 11.60 -3.22 14.10
N ALA C 108 12.31 -3.87 13.18
CA ALA C 108 11.73 -4.48 11.97
C ALA C 108 11.04 -3.43 11.09
N ALA C 109 11.48 -2.18 11.20
CA ALA C 109 10.87 -1.09 10.44
C ALA C 109 10.86 -1.41 8.94
N GLY C 110 9.72 -1.17 8.30
CA GLY C 110 9.53 -1.52 6.91
C GLY C 110 9.27 -2.98 6.62
N ARG C 111 9.21 -3.82 7.66
CA ARG C 111 8.98 -5.25 7.48
C ARG C 111 7.93 -5.73 8.45
N ARG C 112 6.89 -4.93 8.66
CA ARG C 112 5.84 -5.25 9.62
C ARG C 112 4.49 -5.28 8.92
N ALA C 113 3.82 -4.12 8.86
CA ALA C 113 2.49 -4.02 8.29
C ALA C 113 2.41 -2.84 7.34
N PHE C 114 1.53 -2.94 6.35
CA PHE C 114 1.41 -1.91 5.33
C PHE C 114 -0.02 -1.37 5.31
N ASP C 115 -0.12 -0.05 5.30
CA ASP C 115 -1.34 0.67 5.63
C ASP C 115 -2.14 1.25 4.47
N ILE C 116 -1.46 1.98 3.58
CA ILE C 116 -2.05 2.54 2.37
C ILE C 116 -1.42 1.86 1.19
N TRP C 117 -2.25 1.46 0.22
CA TRP C 117 -1.80 0.74 -0.97
C TRP C 117 -2.14 1.54 -2.21
N GLY C 118 -1.34 1.35 -3.25
CA GLY C 118 -1.72 1.81 -4.57
C GLY C 118 -2.70 0.84 -5.21
N GLN C 119 -3.26 1.26 -6.35
CA GLN C 119 -4.17 0.35 -7.06
C GLN C 119 -3.43 -0.81 -7.71
N GLY C 120 -2.11 -0.69 -7.87
CA GLY C 120 -1.31 -1.78 -8.40
C GLY C 120 -1.27 -1.80 -9.91
N THR C 121 -0.08 -1.82 -10.48
CA THR C 121 0.11 -1.99 -11.92
C THR C 121 0.58 -3.42 -12.20
N MET C 122 0.16 -3.92 -13.36
CA MET C 122 0.52 -5.27 -13.77
C MET C 122 1.63 -5.23 -14.82
N VAL C 123 2.63 -6.08 -14.63
CA VAL C 123 3.73 -6.22 -15.57
C VAL C 123 3.70 -7.64 -16.10
N THR C 124 3.69 -7.76 -17.42
CA THR C 124 3.79 -9.05 -18.09
C THR C 124 5.18 -9.16 -18.71
N VAL C 125 5.87 -10.25 -18.42
CA VAL C 125 7.17 -10.53 -19.00
C VAL C 125 6.98 -11.47 -20.17
N SER C 126 7.25 -10.98 -21.37
CA SER C 126 7.01 -11.72 -22.61
C SER C 126 7.78 -11.05 -23.72
N SER C 127 8.06 -11.84 -24.77
CA SER C 127 8.72 -11.31 -25.95
C SER C 127 7.75 -10.76 -26.98
N ALA C 128 6.47 -11.13 -26.90
CA ALA C 128 5.48 -10.58 -27.81
C ALA C 128 5.29 -9.08 -27.54
N SER C 129 4.80 -8.38 -28.54
CA SER C 129 4.65 -6.93 -28.49
C SER C 129 3.22 -6.55 -28.19
N THR C 130 3.04 -5.32 -27.71
CA THR C 130 1.71 -4.86 -27.33
C THR C 130 0.79 -4.74 -28.53
N LYS C 131 -0.49 -4.99 -28.30
CA LYS C 131 -1.52 -4.83 -29.32
C LYS C 131 -2.74 -4.19 -28.68
N GLY C 132 -3.18 -3.07 -29.22
CA GLY C 132 -4.37 -2.41 -28.74
C GLY C 132 -5.62 -3.21 -29.01
N PRO C 133 -6.67 -2.94 -28.24
CA PRO C 133 -7.90 -3.74 -28.35
C PRO C 133 -8.83 -3.23 -29.43
N SER C 134 -9.54 -4.17 -30.04
CA SER C 134 -10.64 -3.89 -30.94
C SER C 134 -11.94 -4.02 -30.15
N VAL C 135 -12.71 -2.92 -30.07
CA VAL C 135 -13.96 -2.87 -29.32
C VAL C 135 -15.12 -2.95 -30.30
N PHE C 136 -16.08 -3.82 -29.99
CA PHE C 136 -17.27 -4.02 -30.80
C PHE C 136 -18.50 -3.98 -29.91
N PRO C 137 -19.63 -3.48 -30.41
CA PRO C 137 -20.83 -3.37 -29.56
C PRO C 137 -21.61 -4.68 -29.53
N LEU C 138 -21.97 -5.11 -28.32
CA LEU C 138 -22.93 -6.21 -28.14
C LEU C 138 -24.32 -5.59 -28.05
N ALA C 139 -24.89 -5.34 -29.22
CA ALA C 139 -26.08 -4.47 -29.32
C ALA C 139 -27.26 -5.13 -28.62
N PRO C 140 -28.10 -4.36 -27.92
CA PRO C 140 -29.26 -4.95 -27.29
C PRO C 140 -30.27 -5.37 -28.36
N SER C 141 -30.65 -6.65 -28.33
CA SER C 141 -31.52 -7.19 -29.37
C SER C 141 -32.84 -7.62 -28.75
N SER C 142 -33.77 -7.96 -29.63
CA SER C 142 -35.02 -8.58 -29.18
C SER C 142 -34.74 -9.85 -28.39
N LYS C 143 -33.78 -10.65 -28.85
CA LYS C 143 -33.45 -11.90 -28.19
C LYS C 143 -32.92 -11.65 -26.78
N SER C 144 -32.23 -10.54 -26.56
CA SER C 144 -31.61 -10.25 -25.27
C SER C 144 -32.61 -9.86 -24.19
N THR C 145 -33.86 -9.56 -24.57
CA THR C 145 -34.85 -9.06 -23.57
C THR C 145 -35.24 -10.18 -22.60
N SER C 146 -35.29 -9.87 -21.31
CA SER C 146 -35.71 -10.85 -20.28
C SER C 146 -36.79 -10.19 -19.44
N GLY C 147 -37.81 -9.64 -20.10
CA GLY C 147 -38.92 -8.99 -19.39
C GLY C 147 -38.79 -7.50 -19.44
N GLY C 148 -38.63 -6.88 -18.28
CA GLY C 148 -38.40 -5.43 -18.23
C GLY C 148 -36.91 -5.14 -18.19
N THR C 149 -36.11 -6.19 -18.29
CA THR C 149 -34.64 -6.04 -18.28
C THR C 149 -34.07 -6.55 -19.59
N ALA C 150 -33.16 -5.80 -20.20
CA ALA C 150 -32.47 -6.25 -21.41
C ALA C 150 -30.97 -6.26 -21.15
N ALA C 151 -30.25 -7.03 -21.96
CA ALA C 151 -28.81 -7.18 -21.81
C ALA C 151 -28.08 -6.55 -22.99
N LEU C 152 -27.08 -5.73 -22.70
CA LEU C 152 -26.20 -5.18 -23.71
C LEU C 152 -24.78 -5.16 -23.16
N GLY C 153 -23.81 -4.96 -24.04
CA GLY C 153 -22.44 -4.88 -23.55
C GLY C 153 -21.46 -4.54 -24.65
N CYS C 154 -20.17 -4.76 -24.34
CA CYS C 154 -19.07 -4.47 -25.23
C CYS C 154 -18.12 -5.66 -25.32
N LEU C 155 -17.58 -5.90 -26.51
CA LEU C 155 -16.68 -7.01 -26.78
C LEU C 155 -15.29 -6.44 -27.08
N VAL C 156 -14.38 -6.63 -26.14
CA VAL C 156 -13.02 -6.14 -26.27
C VAL C 156 -12.17 -7.29 -26.76
N LYS C 157 -11.71 -7.22 -28.00
CA LYS C 157 -11.13 -8.37 -28.67
C LYS C 157 -9.67 -8.12 -29.05
N ASP C 158 -8.84 -9.16 -28.93
CA ASP C 158 -7.51 -9.22 -29.52
C ASP C 158 -6.61 -8.08 -29.02
N TYR C 159 -6.25 -8.19 -27.73
CA TYR C 159 -5.31 -7.27 -27.11
C TYR C 159 -4.25 -8.05 -26.34
N PHE C 160 -3.13 -7.36 -26.05
CA PHE C 160 -2.05 -7.95 -25.29
C PHE C 160 -1.13 -6.85 -24.79
N PRO C 161 -0.68 -6.90 -23.54
CA PRO C 161 -1.05 -7.92 -22.56
C PRO C 161 -2.19 -7.47 -21.67
N GLU C 162 -2.46 -8.23 -20.60
CA GLU C 162 -3.38 -7.79 -19.56
C GLU C 162 -2.89 -6.47 -18.97
N PRO C 163 -3.77 -5.64 -18.41
CA PRO C 163 -5.23 -5.80 -18.37
C PRO C 163 -6.00 -4.77 -19.19
N VAL C 164 -7.29 -5.01 -19.34
CA VAL C 164 -8.24 -4.04 -19.86
C VAL C 164 -9.32 -3.81 -18.81
N THR C 165 -9.52 -2.56 -18.41
CA THR C 165 -10.63 -2.20 -17.55
C THR C 165 -11.73 -1.54 -18.38
N VAL C 166 -12.98 -1.74 -17.96
CA VAL C 166 -14.17 -1.23 -18.64
C VAL C 166 -15.05 -0.53 -17.62
N SER C 167 -15.47 0.70 -17.93
CA SER C 167 -16.52 1.39 -17.19
C SER C 167 -17.62 1.78 -18.18
N TRP C 168 -18.78 2.18 -17.63
CA TRP C 168 -19.93 2.51 -18.44
C TRP C 168 -20.39 3.92 -18.10
N ASN C 169 -20.56 4.76 -19.13
CA ASN C 169 -21.03 6.13 -18.97
C ASN C 169 -20.18 6.88 -17.95
N SER C 170 -18.86 6.73 -18.07
CA SER C 170 -17.92 7.51 -17.26
C SER C 170 -18.12 7.26 -15.76
N GLY C 171 -18.67 6.11 -15.41
CA GLY C 171 -18.96 5.81 -14.02
C GLY C 171 -20.35 6.18 -13.58
N ALA C 172 -21.22 6.65 -14.48
CA ALA C 172 -22.61 6.86 -14.15
C ALA C 172 -23.45 5.59 -14.28
N LEU C 173 -22.87 4.50 -14.77
CA LEU C 173 -23.55 3.21 -14.88
C LEU C 173 -22.67 2.16 -14.22
N THR C 174 -23.04 1.70 -13.04
CA THR C 174 -22.22 0.78 -12.28
C THR C 174 -23.01 -0.45 -11.83
N SER C 175 -24.22 -0.24 -11.30
CA SER C 175 -25.01 -1.39 -10.85
C SER C 175 -25.50 -2.17 -12.06
N GLY C 176 -25.53 -3.49 -11.92
CA GLY C 176 -25.89 -4.37 -13.03
C GLY C 176 -24.81 -4.57 -14.05
N VAL C 177 -23.56 -4.22 -13.75
CA VAL C 177 -22.44 -4.34 -14.68
C VAL C 177 -21.60 -5.52 -14.26
N HIS C 178 -21.27 -6.38 -15.20
CA HIS C 178 -20.26 -7.42 -14.97
C HIS C 178 -19.27 -7.39 -16.12
N THR C 179 -18.00 -7.14 -15.80
CA THR C 179 -16.92 -7.25 -16.77
C THR C 179 -16.24 -8.60 -16.55
N PHE C 180 -16.34 -9.49 -17.53
CA PHE C 180 -15.93 -10.86 -17.36
C PHE C 180 -14.41 -11.00 -17.37
N PRO C 181 -13.87 -12.07 -16.78
CA PRO C 181 -12.45 -12.38 -16.94
C PRO C 181 -12.10 -12.59 -18.40
N ALA C 182 -10.91 -12.15 -18.79
CA ALA C 182 -10.47 -12.32 -20.16
C ALA C 182 -10.14 -13.78 -20.44
N VAL C 183 -10.27 -14.17 -21.70
CA VAL C 183 -9.89 -15.50 -22.14
C VAL C 183 -8.66 -15.36 -23.04
N LEU C 184 -7.78 -16.36 -22.97
CA LEU C 184 -6.56 -16.37 -23.76
C LEU C 184 -6.79 -17.23 -24.99
N GLN C 185 -6.73 -16.60 -26.17
CA GLN C 185 -6.99 -17.27 -27.42
C GLN C 185 -5.72 -17.92 -27.96
N SER C 186 -5.88 -18.71 -29.03
CA SER C 186 -4.73 -19.39 -29.62
C SER C 186 -3.71 -18.43 -30.22
N SER C 187 -4.12 -17.20 -30.53
CA SER C 187 -3.21 -16.21 -31.09
C SER C 187 -2.22 -15.66 -30.08
N GLY C 188 -2.40 -15.96 -28.80
CA GLY C 188 -1.64 -15.31 -27.76
C GLY C 188 -2.22 -13.99 -27.31
N LEU C 189 -3.30 -13.54 -27.92
CA LEU C 189 -4.00 -12.32 -27.52
C LEU C 189 -5.17 -12.65 -26.61
N TYR C 190 -5.58 -11.66 -25.83
CA TYR C 190 -6.69 -11.75 -24.88
C TYR C 190 -7.95 -11.11 -25.46
N SER C 191 -9.08 -11.50 -24.90
CA SER C 191 -10.36 -10.91 -25.26
C SER C 191 -11.24 -11.00 -24.02
N LEU C 192 -12.07 -9.99 -23.79
CA LEU C 192 -13.07 -10.05 -22.74
C LEU C 192 -14.36 -9.39 -23.21
N SER C 193 -15.38 -9.48 -22.36
CA SER C 193 -16.66 -8.82 -22.56
C SER C 193 -17.09 -8.16 -21.27
N SER C 194 -17.86 -7.09 -21.41
CA SER C 194 -18.50 -6.42 -20.28
C SER C 194 -19.98 -6.28 -20.62
N VAL C 195 -20.83 -6.77 -19.73
CA VAL C 195 -22.27 -6.76 -19.95
C VAL C 195 -22.94 -5.97 -18.84
N VAL C 196 -24.04 -5.31 -19.18
CA VAL C 196 -24.84 -4.58 -18.20
C VAL C 196 -26.30 -4.81 -18.53
N THR C 197 -27.08 -5.15 -17.51
CA THR C 197 -28.52 -5.38 -17.71
C THR C 197 -29.26 -4.08 -17.40
N VAL C 198 -30.01 -3.58 -18.38
CA VAL C 198 -30.65 -2.27 -18.28
C VAL C 198 -32.15 -2.44 -18.49
N PRO C 199 -32.96 -1.41 -18.24
CA PRO C 199 -34.39 -1.50 -18.58
C PRO C 199 -34.63 -1.63 -20.08
N SER C 200 -35.65 -2.41 -20.43
CA SER C 200 -35.98 -2.65 -21.83
C SER C 200 -36.67 -1.44 -22.47
N SER C 201 -37.52 -0.75 -21.71
CA SER C 201 -38.28 0.37 -22.26
C SER C 201 -37.42 1.57 -22.61
N SER C 202 -36.20 1.65 -22.08
CA SER C 202 -35.35 2.81 -22.24
C SER C 202 -34.30 2.64 -23.33
N LEU C 203 -34.40 1.57 -24.13
CA LEU C 203 -33.31 1.23 -25.05
C LEU C 203 -33.15 2.27 -26.15
N GLY C 204 -34.25 2.83 -26.61
CA GLY C 204 -34.18 3.84 -27.65
C GLY C 204 -34.01 5.25 -27.16
N THR C 205 -33.91 5.47 -25.86
CA THR C 205 -33.82 6.82 -25.32
C THR C 205 -32.64 7.05 -24.39
N GLN C 206 -32.06 6.02 -23.79
CA GLN C 206 -30.92 6.18 -22.91
C GLN C 206 -29.63 5.88 -23.67
N THR C 207 -28.58 6.65 -23.37
CA THR C 207 -27.31 6.50 -24.04
C THR C 207 -26.40 5.58 -23.23
N TYR C 208 -25.77 4.61 -23.90
CA TYR C 208 -24.87 3.65 -23.26
C TYR C 208 -23.55 3.61 -24.02
N ILE C 209 -22.48 4.08 -23.37
CA ILE C 209 -21.14 3.98 -23.92
C ILE C 209 -20.26 3.23 -22.92
N CYS C 210 -19.55 2.22 -23.40
CA CYS C 210 -18.57 1.54 -22.58
C CYS C 210 -17.22 2.22 -22.77
N ASN C 211 -16.54 2.46 -21.67
CA ASN C 211 -15.25 3.14 -21.65
C ASN C 211 -14.19 2.06 -21.46
N VAL C 212 -13.57 1.63 -22.56
CA VAL C 212 -12.50 0.64 -22.52
C VAL C 212 -11.17 1.35 -22.31
N ASN C 213 -10.34 0.79 -21.45
CA ASN C 213 -9.02 1.35 -21.14
C ASN C 213 -7.98 0.25 -21.21
N HIS C 214 -6.96 0.44 -22.04
CA HIS C 214 -5.85 -0.51 -22.18
C HIS C 214 -4.57 0.29 -22.02
N LYS C 215 -4.09 0.35 -20.78
CA LYS C 215 -2.87 1.12 -20.45
C LYS C 215 -1.60 0.43 -20.95
N PRO C 216 -1.52 -0.90 -21.16
CA PRO C 216 -0.33 -1.48 -21.75
C PRO C 216 0.02 -0.73 -23.05
N SER C 217 -0.98 -0.43 -23.87
CA SER C 217 -0.78 0.46 -25.03
C SER C 217 -1.25 1.74 -24.41
N ASN C 218 -1.32 2.82 -25.13
CA ASN C 218 -1.92 3.99 -24.42
C ASN C 218 -3.26 4.29 -25.06
N THR C 219 -4.18 3.33 -24.92
CA THR C 219 -5.45 3.45 -25.66
C THR C 219 -6.71 3.52 -24.79
N LYS C 220 -7.57 4.47 -25.08
CA LYS C 220 -8.90 4.52 -24.49
C LYS C 220 -9.90 4.51 -25.64
N VAL C 221 -10.92 3.66 -25.54
CA VAL C 221 -11.93 3.53 -26.57
C VAL C 221 -13.28 3.73 -25.92
N ASP C 222 -14.05 4.70 -26.42
CA ASP C 222 -15.44 4.90 -26.01
C ASP C 222 -16.32 4.48 -27.17
N LYS C 223 -17.09 3.40 -26.99
CA LYS C 223 -17.93 2.87 -28.05
C LYS C 223 -19.41 3.01 -27.66
N LYS C 224 -20.19 3.65 -28.51
CA LYS C 224 -21.62 3.81 -28.25
C LYS C 224 -22.35 2.56 -28.72
N VAL C 225 -23.03 1.86 -27.80
CA VAL C 225 -23.79 0.67 -28.15
C VAL C 225 -25.25 1.08 -28.37
N GLU C 226 -25.75 0.81 -29.56
CA GLU C 226 -27.05 1.29 -29.96
C GLU C 226 -27.95 0.10 -30.26
N PRO C 227 -29.27 0.29 -30.18
CA PRO C 227 -30.19 -0.82 -30.49
C PRO C 227 -29.95 -1.36 -31.90
N LYS C 228 -30.05 -2.67 -32.02
CA LYS C 228 -29.85 -3.34 -33.29
C LYS C 228 -30.99 -3.04 -34.25
N SER C 229 -30.66 -2.52 -35.44
CA SER C 229 -31.68 -2.14 -36.42
C SER C 229 -31.68 -3.04 -37.65
#